data_8A0B
#
_entry.id   8A0B
#
_cell.length_a   92.221
_cell.length_b   98.018
_cell.length_c   139.402
_cell.angle_alpha   90.000
_cell.angle_beta   90.000
_cell.angle_gamma   90.000
#
_symmetry.space_group_name_H-M   'P 21 21 21'
#
loop_
_entity.id
_entity.type
_entity.pdbx_description
1 polymer 'Histone deacetylase 2'
2 non-polymer 'ZINC ION'
3 non-polymer 'CALCIUM ION'
4 non-polymer 'SODIUM ION'
5 non-polymer DI(HYDROXYETHYL)ETHER
6 non-polymer 1,3-dihydroisoindol-2-yl-[(2R,4S)-4-phenylpyrrolidin-1-ium-2-yl]methanone
7 non-polymer '2-[N-CYCLOHEXYLAMINO]ETHANE SULFONIC ACID'
8 non-polymer 'TETRAETHYLENE GLYCOL'
9 non-polymer 1,2-ETHANEDIOL
10 water water
#
_entity_poly.entity_id   1
_entity_poly.type   'polypeptide(L)'
_entity_poly.pdbx_seq_one_letter_code
;MAYSQGGGKKKVCYYYDGDIGNYYYGQGHPMKPHRIRMTHNLLLNYGLYRKMEIYRPHKATAEEMTKYHSDEYIKFLRSI
RPDNMSEYSKQMQRFNVGEDCPVFDGLFEFCQLSTGGSVAGAVKLNRQQTDMAVNWAGGLHHAKKSEASGFCYVNDIVLA
ILELLKYHQRVLYIDIDIHHGDGVEEAFYTTDRVMTVSFHKYGEYFPGTGDLRDIGAGKGKYYAVNFPMRDGIDDESYGQ
IFKPIISKVMEMYQPSAVVLQCGADSLSGDRLGCFNLTVKGHAKCVEVVKTFNLPLLMLGGGGYTIRNVARCWTYETAVA
LDCEIPNELPYNDYFEYFGPDFKLHISPSNMTNQNTPEYMEKIKQRLFENLRMLPHAPGVQMQAIPEDAVHEDSGDEDGE
DPDKRISIRASDKRIACDEEFSDSEDEGEGGRRNVADHKKGAKKARIEEDKKETEDKKTDVKEEDKSKDNSGEKTDTKGT
KSEQLSNPGSSGHHHHHH
;
_entity_poly.pdbx_strand_id   A,B,C
#
loop_
_chem_comp.id
_chem_comp.type
_chem_comp.name
_chem_comp.formula
CA non-polymer 'CALCIUM ION' 'Ca 2'
EDO non-polymer 1,2-ETHANEDIOL 'C2 H6 O2'
KRU non-polymer 1,3-dihydroisoindol-2-yl-[(2R,4S)-4-phenylpyrrolidin-1-ium-2-yl]methanone 'C19 H21 N2 O 1'
NA non-polymer 'SODIUM ION' 'Na 1'
NHE non-polymer '2-[N-CYCLOHEXYLAMINO]ETHANE SULFONIC ACID' 'C8 H17 N O3 S'
PEG non-polymer DI(HYDROXYETHYL)ETHER 'C4 H10 O3'
PG4 non-polymer 'TETRAETHYLENE GLYCOL' 'C8 H18 O5'
ZN non-polymer 'ZINC ION' 'Zn 2'
#
# COMPACT_ATOMS: atom_id res chain seq x y z
N GLY A 7 -26.21 26.91 31.80
CA GLY A 7 -26.17 25.45 31.95
C GLY A 7 -24.77 24.90 32.09
N GLY A 8 -23.87 25.77 32.51
CA GLY A 8 -22.51 25.42 32.76
C GLY A 8 -21.68 25.42 31.51
N LYS A 9 -20.39 25.52 31.71
CA LYS A 9 -19.41 25.34 30.68
C LYS A 9 -19.32 23.85 30.41
N LYS A 10 -18.94 23.53 29.21
CA LYS A 10 -18.99 22.16 28.72
C LYS A 10 -17.60 21.57 28.52
N LYS A 11 -17.49 20.24 28.66
CA LYS A 11 -16.27 19.55 28.30
C LYS A 11 -16.29 19.44 26.75
N VAL A 12 -15.17 19.79 26.12
CA VAL A 12 -15.05 19.71 24.66
C VAL A 12 -13.90 18.81 24.32
N CYS A 13 -14.13 17.82 23.44
CA CYS A 13 -13.10 16.99 22.81
C CYS A 13 -13.01 17.39 21.33
N TYR A 14 -11.81 17.65 20.89
CA TYR A 14 -11.53 18.19 19.55
C TYR A 14 -10.63 17.18 18.77
N TYR A 15 -11.02 16.87 17.52
CA TYR A 15 -10.38 15.83 16.72
C TYR A 15 -9.60 16.46 15.59
N TYR A 16 -8.31 16.11 15.48
CA TYR A 16 -7.47 16.67 14.42
C TYR A 16 -6.32 15.74 14.13
N ASP A 17 -6.08 15.49 12.84
CA ASP A 17 -4.85 14.81 12.41
C ASP A 17 -4.00 15.78 11.62
N GLY A 18 -2.77 15.97 12.05
CA GLY A 18 -1.83 16.85 11.39
C GLY A 18 -1.51 16.59 9.94
N ASP A 19 -1.86 15.43 9.42
CA ASP A 19 -1.67 15.14 7.99
C ASP A 19 -2.80 15.65 7.13
N ILE A 20 -3.94 16.02 7.72
CA ILE A 20 -5.13 16.37 6.93
C ILE A 20 -4.82 17.50 5.93
N GLY A 21 -4.01 18.46 6.35
CA GLY A 21 -3.73 19.64 5.52
C GLY A 21 -2.90 19.35 4.30
N ASN A 22 -2.33 18.12 4.20
CA ASN A 22 -1.46 17.71 3.09
C ASN A 22 -2.22 17.10 1.89
N TYR A 23 -3.50 16.79 2.06
CA TYR A 23 -4.29 16.24 0.97
C TYR A 23 -4.66 17.35 0.03
N TYR A 24 -4.52 17.07 -1.26
CA TYR A 24 -4.66 18.09 -2.27
C TYR A 24 -5.57 17.61 -3.37
N TYR A 25 -6.70 18.33 -3.57
CA TYR A 25 -7.70 17.91 -4.53
C TYR A 25 -7.23 18.12 -5.98
N GLY A 26 -6.20 18.93 -6.21
CA GLY A 26 -5.67 19.15 -7.54
C GLY A 26 -5.70 20.62 -7.92
N GLN A 27 -4.92 20.96 -8.96
CA GLN A 27 -4.81 22.34 -9.40
C GLN A 27 -6.17 22.93 -9.78
N GLY A 28 -6.47 24.09 -9.25
CA GLY A 28 -7.72 24.77 -9.55
C GLY A 28 -8.93 24.30 -8.74
N HIS A 29 -8.81 23.19 -7.98
CA HIS A 29 -9.97 22.70 -7.22
C HIS A 29 -10.14 23.60 -5.98
N PRO A 30 -11.34 24.19 -5.79
CA PRO A 30 -11.52 25.11 -4.66
C PRO A 30 -11.50 24.49 -3.28
N MET A 31 -11.66 23.18 -3.14
CA MET A 31 -11.65 22.55 -1.81
C MET A 31 -10.20 22.38 -1.36
N LYS A 32 -9.82 23.03 -0.24
CA LYS A 32 -8.44 23.07 0.24
C LYS A 32 -8.35 22.52 1.65
N PRO A 33 -8.07 21.21 1.85
CA PRO A 33 -7.93 20.68 3.21
C PRO A 33 -6.98 21.43 4.12
N HIS A 34 -6.04 22.14 3.53
CA HIS A 34 -5.08 23.00 4.26
C HIS A 34 -5.79 24.00 5.18
N ARG A 35 -7.02 24.42 4.82
CA ARG A 35 -7.78 25.32 5.67
C ARG A 35 -8.01 24.70 7.08
N ILE A 36 -8.03 23.36 7.19
CA ILE A 36 -8.21 22.72 8.51
C ILE A 36 -6.95 22.90 9.37
N ARG A 37 -5.78 22.80 8.73
CA ARG A 37 -4.51 23.06 9.37
C ARG A 37 -4.37 24.54 9.77
N MET A 38 -4.78 25.49 8.90
CA MET A 38 -4.80 26.90 9.28
C MET A 38 -5.67 27.15 10.49
N THR A 39 -6.88 26.53 10.50
CA THR A 39 -7.78 26.62 11.64
C THR A 39 -7.09 26.16 12.94
N HIS A 40 -6.52 24.96 12.89
CA HIS A 40 -5.86 24.35 14.01
C HIS A 40 -4.73 25.25 14.54
N ASN A 41 -3.87 25.73 13.63
CA ASN A 41 -2.74 26.57 14.05
C ASN A 41 -3.18 27.85 14.68
N LEU A 42 -4.26 28.45 14.12
CA LEU A 42 -4.78 29.68 14.67
C LEU A 42 -5.31 29.47 16.09
N LEU A 43 -6.15 28.44 16.27
CA LEU A 43 -6.72 28.20 17.59
C LEU A 43 -5.67 27.74 18.62
N LEU A 44 -4.62 26.98 18.24
CA LEU A 44 -3.45 26.73 19.14
C LEU A 44 -2.81 28.03 19.56
N ASN A 45 -2.62 28.99 18.61
CA ASN A 45 -1.98 30.25 18.95
C ASN A 45 -2.83 31.17 19.81
N TYR A 46 -4.16 30.97 19.82
CA TYR A 46 -5.02 31.60 20.79
C TYR A 46 -4.98 30.93 22.19
N GLY A 47 -4.33 29.78 22.30
CA GLY A 47 -4.25 29.06 23.56
C GLY A 47 -5.42 28.18 23.89
N LEU A 48 -6.30 27.86 22.89
CA LEU A 48 -7.52 27.10 23.18
C LEU A 48 -7.23 25.63 23.53
N TYR A 49 -6.04 25.11 23.21
CA TYR A 49 -5.65 23.77 23.62
C TYR A 49 -5.62 23.61 25.15
N ARG A 50 -5.48 24.72 25.91
CA ARG A 50 -5.46 24.66 27.38
C ARG A 50 -6.80 24.30 27.98
N LYS A 51 -7.90 24.43 27.22
CA LYS A 51 -9.24 24.29 27.68
C LYS A 51 -9.99 23.10 27.13
N MET A 52 -9.37 22.30 26.25
CA MET A 52 -10.07 21.22 25.59
C MET A 52 -9.15 20.07 25.43
N GLU A 53 -9.68 18.85 25.31
CA GLU A 53 -8.88 17.67 25.05
C GLU A 53 -8.75 17.52 23.55
N ILE A 54 -7.53 17.34 23.03
CA ILE A 54 -7.30 17.18 21.61
C ILE A 54 -6.90 15.74 21.34
N TYR A 55 -7.62 15.06 20.45
CA TYR A 55 -7.41 13.72 20.04
C TYR A 55 -7.08 13.62 18.59
N ARG A 56 -6.22 12.68 18.24
CA ARG A 56 -5.96 12.40 16.86
C ARG A 56 -6.93 11.27 16.47
N PRO A 57 -7.78 11.48 15.45
CA PRO A 57 -8.75 10.45 15.07
C PRO A 57 -8.02 9.18 14.55
N HIS A 58 -8.67 8.02 14.71
CA HIS A 58 -8.19 6.83 13.96
C HIS A 58 -8.59 6.98 12.50
N LYS A 59 -8.03 6.13 11.67
CA LYS A 59 -8.44 5.99 10.30
C LYS A 59 -9.61 5.06 10.28
N ALA A 60 -10.79 5.55 9.94
CA ALA A 60 -11.99 4.72 9.87
C ALA A 60 -11.79 3.57 8.87
N THR A 61 -12.22 2.37 9.24
CA THR A 61 -12.02 1.22 8.37
C THR A 61 -13.12 1.10 7.34
N ALA A 62 -12.85 0.28 6.30
CA ALA A 62 -13.91 -0.09 5.35
C ALA A 62 -15.15 -0.70 6.07
N GLU A 63 -15.01 -1.48 7.20
CA GLU A 63 -16.11 -1.99 8.05
C GLU A 63 -16.96 -0.82 8.61
N GLU A 64 -16.30 0.19 9.15
CA GLU A 64 -16.99 1.34 9.70
C GLU A 64 -17.78 2.02 8.57
N MET A 65 -17.18 2.17 7.39
CA MET A 65 -17.84 2.94 6.30
C MET A 65 -19.03 2.26 5.73
N THR A 66 -18.95 0.92 5.67
CA THR A 66 -20.07 0.14 5.12
C THR A 66 -21.21 -0.05 6.12
N LYS A 67 -21.16 0.55 7.32
CA LYS A 67 -22.39 0.77 8.09
C LYS A 67 -23.44 1.59 7.32
N TYR A 68 -23.03 2.36 6.32
CA TYR A 68 -23.91 3.12 5.45
C TYR A 68 -23.64 2.83 3.97
N HIS A 69 -22.40 3.02 3.54
CA HIS A 69 -22.05 2.96 2.14
C HIS A 69 -22.00 1.53 1.63
N SER A 70 -22.20 1.37 0.32
CA SER A 70 -22.17 0.01 -0.25
C SER A 70 -20.75 -0.52 -0.28
N ASP A 71 -20.63 -1.84 -0.14
CA ASP A 71 -19.34 -2.49 -0.22
C ASP A 71 -18.63 -2.19 -1.54
N GLU A 72 -19.38 -2.19 -2.67
CA GLU A 72 -18.78 -1.95 -4.01
C GLU A 72 -18.17 -0.54 -4.11
N TYR A 73 -18.88 0.44 -3.60
CA TYR A 73 -18.40 1.82 -3.59
C TYR A 73 -17.17 2.00 -2.72
N ILE A 74 -17.17 1.45 -1.50
CA ILE A 74 -16.01 1.57 -0.59
C ILE A 74 -14.81 0.84 -1.17
N LYS A 75 -15.04 -0.38 -1.74
CA LYS A 75 -13.93 -1.13 -2.40
C LYS A 75 -13.31 -0.28 -3.53
N PHE A 76 -14.15 0.44 -4.32
CA PHE A 76 -13.68 1.33 -5.36
C PHE A 76 -12.82 2.48 -4.75
N LEU A 77 -13.35 3.16 -3.71
CA LEU A 77 -12.60 4.27 -3.13
C LEU A 77 -11.25 3.84 -2.58
N ARG A 78 -11.18 2.62 -2.02
CA ARG A 78 -9.96 2.06 -1.44
C ARG A 78 -8.94 1.64 -2.50
N SER A 79 -9.37 1.44 -3.75
CA SER A 79 -8.54 0.89 -4.84
C SER A 79 -8.10 1.95 -5.86
N ILE A 80 -8.94 3.00 -6.08
CA ILE A 80 -8.68 3.99 -7.10
C ILE A 80 -7.50 4.88 -6.76
N ARG A 81 -6.61 5.12 -7.72
CA ARG A 81 -5.44 5.97 -7.55
C ARG A 81 -5.17 6.73 -8.85
N PRO A 82 -4.45 7.87 -8.81
CA PRO A 82 -4.11 8.56 -10.07
C PRO A 82 -3.41 7.65 -11.10
N ASP A 83 -2.61 6.68 -10.65
CA ASP A 83 -1.85 5.79 -11.55
C ASP A 83 -2.65 4.64 -12.15
N ASN A 84 -3.85 4.30 -11.65
CA ASN A 84 -4.67 3.23 -12.25
C ASN A 84 -6.03 3.69 -12.78
N MET A 85 -6.28 4.99 -12.83
CA MET A 85 -7.55 5.57 -13.30
C MET A 85 -8.00 5.10 -14.66
N SER A 86 -7.04 4.83 -15.58
CA SER A 86 -7.37 4.32 -16.92
C SER A 86 -8.08 2.98 -16.85
N GLU A 87 -7.72 2.13 -15.89
CA GLU A 87 -8.35 0.81 -15.72
C GLU A 87 -9.78 0.91 -15.14
N TYR A 88 -10.18 2.07 -14.58
CA TYR A 88 -11.40 2.16 -13.80
C TYR A 88 -12.38 3.18 -14.40
N SER A 89 -12.29 3.48 -15.73
CA SER A 89 -13.08 4.56 -16.32
C SER A 89 -14.59 4.39 -16.14
N LYS A 90 -15.07 3.17 -16.36
CA LYS A 90 -16.48 2.84 -16.16
C LYS A 90 -16.89 3.07 -14.70
N GLN A 91 -16.06 2.57 -13.75
CA GLN A 91 -16.35 2.59 -12.33
C GLN A 91 -16.37 4.04 -11.83
N MET A 92 -15.48 4.86 -12.37
CA MET A 92 -15.45 6.28 -12.05
C MET A 92 -16.76 6.97 -12.39
N GLN A 93 -17.32 6.66 -13.57
CA GLN A 93 -18.62 7.23 -13.91
C GLN A 93 -19.73 6.67 -13.04
N ARG A 94 -19.73 5.34 -12.72
CA ARG A 94 -20.79 4.74 -11.89
C ARG A 94 -20.82 5.45 -10.51
N PHE A 95 -19.66 5.71 -9.96
CA PHE A 95 -19.55 6.25 -8.60
C PHE A 95 -19.37 7.78 -8.53
N ASN A 96 -19.44 8.46 -9.69
CA ASN A 96 -19.41 9.90 -9.83
C ASN A 96 -18.05 10.48 -9.33
N VAL A 97 -16.99 9.81 -9.66
CA VAL A 97 -15.66 10.24 -9.33
C VAL A 97 -14.92 10.63 -10.63
N GLY A 98 -14.12 11.68 -10.55
CA GLY A 98 -13.18 12.09 -11.59
C GLY A 98 -13.33 13.54 -12.03
N GLU A 99 -14.39 14.26 -11.62
CA GLU A 99 -14.58 15.69 -12.00
C GLU A 99 -14.68 16.59 -10.73
N ASP A 100 -15.85 16.88 -10.21
CA ASP A 100 -16.00 17.61 -8.93
C ASP A 100 -15.37 16.82 -7.80
N CYS A 101 -15.33 15.45 -7.89
CA CYS A 101 -14.84 14.57 -6.87
C CYS A 101 -13.66 13.89 -7.49
N PRO A 102 -12.53 14.58 -7.60
CA PRO A 102 -11.37 13.99 -8.30
C PRO A 102 -10.74 12.83 -7.59
N VAL A 103 -9.96 12.07 -8.36
CA VAL A 103 -9.01 11.12 -7.79
C VAL A 103 -7.75 11.88 -7.44
N PHE A 104 -7.32 11.79 -6.19
CA PHE A 104 -6.06 12.39 -5.76
C PHE A 104 -5.32 11.46 -4.87
N ASP A 105 -3.99 11.67 -4.75
CA ASP A 105 -3.13 10.86 -3.90
C ASP A 105 -3.63 10.89 -2.46
N GLY A 106 -3.86 9.72 -1.87
CA GLY A 106 -4.29 9.65 -0.48
C GLY A 106 -5.77 9.91 -0.28
N LEU A 107 -6.58 9.88 -1.37
CA LEU A 107 -8.05 10.09 -1.30
C LEU A 107 -8.68 9.22 -0.20
N PHE A 108 -8.37 7.90 -0.18
CA PHE A 108 -9.03 7.02 0.78
C PHE A 108 -8.61 7.42 2.20
N GLU A 109 -7.33 7.74 2.42
CA GLU A 109 -6.85 8.12 3.76
C GLU A 109 -7.53 9.43 4.24
N PHE A 110 -7.72 10.40 3.32
CA PHE A 110 -8.47 11.62 3.62
C PHE A 110 -9.88 11.27 4.12
N CYS A 111 -10.57 10.34 3.38
CA CYS A 111 -11.86 9.84 3.80
C CYS A 111 -11.80 9.21 5.19
N GLN A 112 -10.78 8.39 5.41
CA GLN A 112 -10.63 7.70 6.69
C GLN A 112 -10.48 8.67 7.86
N LEU A 113 -9.73 9.73 7.68
CA LEU A 113 -9.44 10.69 8.77
C LEU A 113 -10.61 11.61 9.01
N SER A 114 -11.25 12.08 7.93
CA SER A 114 -12.48 12.88 7.98
C SER A 114 -13.53 12.11 8.76
N THR A 115 -13.76 10.86 8.36
CA THR A 115 -14.75 10.01 8.98
C THR A 115 -14.39 9.62 10.40
N GLY A 116 -13.13 9.23 10.64
CA GLY A 116 -12.67 8.80 11.96
C GLY A 116 -12.95 9.84 13.02
N GLY A 117 -12.74 11.11 12.70
CA GLY A 117 -13.03 12.17 13.65
C GLY A 117 -14.48 12.25 14.04
N SER A 118 -15.37 12.10 13.06
CA SER A 118 -16.80 12.22 13.33
C SER A 118 -17.32 11.02 14.12
N VAL A 119 -16.91 9.82 13.73
CA VAL A 119 -17.34 8.61 14.43
C VAL A 119 -16.72 8.57 15.86
N ALA A 120 -15.44 8.89 16.00
CA ALA A 120 -14.80 8.93 17.32
C ALA A 120 -15.50 9.96 18.23
N GLY A 121 -15.85 11.13 17.69
CA GLY A 121 -16.61 12.09 18.47
C GLY A 121 -17.96 11.58 18.91
N ALA A 122 -18.67 10.88 18.04
CA ALA A 122 -19.96 10.30 18.37
C ALA A 122 -19.80 9.25 19.48
N VAL A 123 -18.75 8.41 19.39
CA VAL A 123 -18.47 7.42 20.45
C VAL A 123 -18.25 8.11 21.78
N LYS A 124 -17.46 9.17 21.77
CA LYS A 124 -17.14 9.90 22.98
C LYS A 124 -18.43 10.47 23.65
N LEU A 125 -19.34 10.99 22.83
CA LEU A 125 -20.63 11.44 23.25
C LEU A 125 -21.50 10.32 23.81
N ASN A 126 -21.57 9.21 23.11
CA ASN A 126 -22.33 8.05 23.53
C ASN A 126 -21.86 7.55 24.92
N ARG A 127 -20.54 7.57 25.14
CA ARG A 127 -19.96 7.14 26.42
C ARG A 127 -20.09 8.17 27.54
N GLN A 128 -20.69 9.35 27.26
CA GLN A 128 -20.85 10.44 28.23
C GLN A 128 -19.51 10.90 28.76
N GLN A 129 -18.46 10.82 27.93
CA GLN A 129 -17.14 11.32 28.30
C GLN A 129 -16.87 12.76 27.86
N THR A 130 -17.79 13.35 27.11
CA THR A 130 -17.74 14.75 26.72
C THR A 130 -19.16 15.27 26.54
N ASP A 131 -19.30 16.59 26.57
CA ASP A 131 -20.53 17.29 26.25
C ASP A 131 -20.58 17.68 24.75
N MET A 132 -19.42 18.09 24.23
CA MET A 132 -19.26 18.43 22.83
CA MET A 132 -19.27 18.45 22.85
C MET A 132 -18.07 17.75 22.24
N ALA A 133 -18.19 17.37 20.97
CA ALA A 133 -17.07 16.86 20.19
C ALA A 133 -16.99 17.68 18.91
N VAL A 134 -15.81 17.98 18.48
CA VAL A 134 -15.57 18.87 17.33
C VAL A 134 -14.68 18.15 16.30
N ASN A 135 -15.13 18.11 15.06
CA ASN A 135 -14.34 17.59 13.94
C ASN A 135 -14.44 18.51 12.75
N TRP A 136 -13.52 19.46 12.67
CA TRP A 136 -13.57 20.42 11.56
C TRP A 136 -13.26 19.76 10.19
N ALA A 137 -12.62 18.59 10.18
CA ALA A 137 -12.40 17.86 8.93
C ALA A 137 -13.62 17.10 8.43
N GLY A 138 -14.70 17.09 9.18
CA GLY A 138 -15.93 16.40 8.82
C GLY A 138 -16.95 17.32 8.18
N GLY A 139 -18.17 16.82 8.07
CA GLY A 139 -19.28 17.57 7.52
C GLY A 139 -19.51 17.39 6.04
N LEU A 140 -19.13 16.21 5.50
CA LEU A 140 -19.19 16.00 4.05
C LEU A 140 -20.57 15.52 3.62
N HIS A 141 -21.50 16.49 3.64
CA HIS A 141 -22.94 16.23 3.63
C HIS A 141 -23.53 15.72 2.33
N HIS A 142 -22.77 15.82 1.22
CA HIS A 142 -23.33 15.41 -0.08
C HIS A 142 -23.11 13.94 -0.42
N ALA A 143 -22.21 13.22 0.30
CA ALA A 143 -21.86 11.89 -0.13
C ALA A 143 -23.04 10.99 0.01
N LYS A 144 -23.27 10.10 -0.99
CA LYS A 144 -24.41 9.21 -1.04
C LYS A 144 -24.01 7.77 -0.77
N LYS A 145 -25.03 6.89 -0.63
CA LYS A 145 -24.74 5.50 -0.27
C LYS A 145 -23.70 4.86 -1.21
N SER A 146 -23.85 5.07 -2.53
CA SER A 146 -22.98 4.43 -3.52
C SER A 146 -22.46 5.42 -4.55
N GLU A 147 -22.31 6.70 -4.17
CA GLU A 147 -21.78 7.69 -5.09
C GLU A 147 -21.16 8.88 -4.35
N ALA A 148 -20.07 9.37 -4.88
CA ALA A 148 -19.48 10.64 -4.47
C ALA A 148 -20.35 11.78 -5.00
N SER A 149 -20.29 12.93 -4.37
CA SER A 149 -21.03 14.09 -4.85
C SER A 149 -20.46 15.37 -4.25
N GLY A 150 -20.31 16.43 -5.05
CA GLY A 150 -20.00 17.75 -4.52
C GLY A 150 -18.77 17.77 -3.62
N PHE A 151 -17.68 17.12 -4.08
CA PHE A 151 -16.38 17.07 -3.39
C PHE A 151 -16.38 16.13 -2.16
N CYS A 152 -17.50 15.41 -1.92
CA CYS A 152 -17.69 14.51 -0.78
C CYS A 152 -17.63 13.07 -1.24
N TYR A 153 -16.93 12.18 -0.51
CA TYR A 153 -16.86 10.78 -0.92
C TYR A 153 -17.51 9.87 0.08
N VAL A 154 -17.18 10.05 1.37
CA VAL A 154 -17.74 9.24 2.45
C VAL A 154 -18.53 10.19 3.36
N ASN A 155 -19.74 9.81 3.69
CA ASN A 155 -20.62 10.66 4.46
C ASN A 155 -20.35 10.45 5.94
N ASP A 156 -19.36 11.16 6.45
CA ASP A 156 -18.97 11.06 7.86
C ASP A 156 -20.13 11.40 8.79
N ILE A 157 -21.01 12.31 8.33
CA ILE A 157 -22.14 12.76 9.14
C ILE A 157 -23.12 11.61 9.35
N VAL A 158 -23.48 10.94 8.29
CA VAL A 158 -24.41 9.80 8.35
C VAL A 158 -23.81 8.72 9.27
N LEU A 159 -22.51 8.42 9.09
CA LEU A 159 -21.86 7.43 9.92
C LEU A 159 -21.86 7.82 11.41
N ALA A 160 -21.57 9.09 11.71
CA ALA A 160 -21.65 9.57 13.07
C ALA A 160 -23.06 9.50 13.66
N ILE A 161 -24.05 9.79 12.84
CA ILE A 161 -25.43 9.71 13.32
C ILE A 161 -25.82 8.25 13.57
N LEU A 162 -25.44 7.33 12.69
CA LEU A 162 -25.68 5.90 12.95
C LEU A 162 -25.06 5.44 14.27
N GLU A 163 -23.85 5.95 14.61
CA GLU A 163 -23.20 5.67 15.88
C GLU A 163 -24.06 6.22 17.03
N LEU A 164 -24.48 7.49 16.95
CA LEU A 164 -25.34 8.07 17.98
C LEU A 164 -26.65 7.29 18.16
N LEU A 165 -27.23 6.79 17.09
CA LEU A 165 -28.51 6.06 17.15
C LEU A 165 -28.39 4.74 17.95
N LYS A 166 -27.17 4.27 18.22
CA LYS A 166 -27.00 3.12 19.11
C LYS A 166 -27.50 3.43 20.53
N TYR A 167 -27.36 4.69 20.99
CA TYR A 167 -27.65 5.10 22.34
C TYR A 167 -28.80 6.15 22.43
N HIS A 168 -29.16 6.81 21.32
CA HIS A 168 -30.13 7.89 21.26
C HIS A 168 -31.31 7.53 20.41
N GLN A 169 -32.55 7.61 20.95
CA GLN A 169 -33.73 7.29 20.17
C GLN A 169 -33.94 8.29 19.06
N ARG A 170 -33.67 9.59 19.33
CA ARG A 170 -33.92 10.65 18.36
C ARG A 170 -32.68 11.54 18.28
N VAL A 171 -32.19 11.75 17.04
CA VAL A 171 -31.02 12.59 16.75
C VAL A 171 -31.42 13.71 15.84
N LEU A 172 -31.03 14.95 16.18
CA LEU A 172 -31.33 16.10 15.36
C LEU A 172 -30.05 16.52 14.59
N TYR A 173 -30.18 16.68 13.29
CA TYR A 173 -29.11 17.16 12.45
C TYR A 173 -29.46 18.58 11.95
N ILE A 174 -28.53 19.51 12.08
CA ILE A 174 -28.73 20.92 11.65
C ILE A 174 -27.59 21.31 10.74
N ASP A 175 -27.91 21.94 9.61
CA ASP A 175 -26.92 22.19 8.57
C ASP A 175 -26.95 23.66 8.16
N ILE A 176 -25.90 24.42 8.50
CA ILE A 176 -25.78 25.84 8.15
C ILE A 176 -24.76 26.15 7.05
N ASP A 177 -24.22 25.10 6.44
CA ASP A 177 -23.52 25.20 5.16
C ASP A 177 -24.47 25.92 4.16
N ILE A 178 -23.93 26.69 3.22
CA ILE A 178 -24.77 27.34 2.20
C ILE A 178 -25.49 26.33 1.30
N HIS A 179 -24.94 25.10 1.19
CA HIS A 179 -25.57 24.06 0.38
C HIS A 179 -26.55 23.22 1.19
N HIS A 180 -27.54 22.67 0.49
CA HIS A 180 -28.45 21.72 1.09
C HIS A 180 -27.73 20.44 1.50
N GLY A 181 -27.97 19.96 2.71
CA GLY A 181 -27.42 18.72 3.24
C GLY A 181 -28.14 17.51 2.69
N ASP A 182 -28.04 17.32 1.38
CA ASP A 182 -28.88 16.33 0.68
C ASP A 182 -28.55 14.90 1.01
N GLY A 183 -27.26 14.56 1.19
CA GLY A 183 -26.88 13.19 1.50
C GLY A 183 -27.35 12.73 2.87
N VAL A 184 -27.33 13.66 3.84
CA VAL A 184 -27.78 13.36 5.17
C VAL A 184 -29.31 13.20 5.16
N GLU A 185 -30.00 14.15 4.51
CA GLU A 185 -31.44 14.09 4.36
C GLU A 185 -31.89 12.80 3.72
N GLU A 186 -31.23 12.41 2.65
CA GLU A 186 -31.58 11.20 1.92
C GLU A 186 -31.41 9.95 2.77
N ALA A 187 -30.32 9.86 3.51
CA ALA A 187 -30.05 8.67 4.35
C ALA A 187 -31.19 8.44 5.36
N PHE A 188 -31.72 9.53 5.91
CA PHE A 188 -32.69 9.47 6.99
C PHE A 188 -34.10 9.93 6.58
N TYR A 189 -34.37 9.98 5.27
CA TYR A 189 -35.59 10.59 4.76
C TYR A 189 -36.85 9.80 5.20
N THR A 190 -36.71 8.48 5.42
CA THR A 190 -37.90 7.66 5.74
C THR A 190 -37.91 7.20 7.19
N THR A 191 -37.10 7.84 8.08
CA THR A 191 -37.12 7.56 9.51
C THR A 191 -37.44 8.79 10.31
N ASP A 192 -38.18 8.58 11.39
CA ASP A 192 -38.42 9.58 12.43
C ASP A 192 -37.35 9.58 13.52
N ARG A 193 -36.37 8.70 13.47
CA ARG A 193 -35.30 8.69 14.43
C ARG A 193 -34.22 9.69 14.15
N VAL A 194 -34.21 10.30 13.01
CA VAL A 194 -33.35 11.46 12.73
C VAL A 194 -34.18 12.54 12.04
N MET A 195 -34.18 13.73 12.60
CA MET A 195 -34.75 14.89 11.95
C MET A 195 -33.60 15.67 11.36
N THR A 196 -33.71 16.03 10.07
CA THR A 196 -32.69 16.80 9.38
C THR A 196 -33.26 18.20 9.14
N VAL A 197 -32.48 19.21 9.47
CA VAL A 197 -32.86 20.61 9.30
C VAL A 197 -31.78 21.32 8.52
N SER A 198 -32.04 21.73 7.30
CA SER A 198 -31.05 22.45 6.49
C SER A 198 -31.52 23.82 6.09
N PHE A 199 -30.63 24.82 6.26
CA PHE A 199 -30.77 26.19 5.77
C PHE A 199 -29.78 26.29 4.63
N HIS A 200 -30.20 26.80 3.48
CA HIS A 200 -29.31 26.78 2.32
C HIS A 200 -29.85 27.71 1.23
N LYS A 201 -28.96 28.11 0.39
CA LYS A 201 -29.30 28.80 -0.83
C LYS A 201 -30.07 27.81 -1.74
N TYR A 202 -31.16 28.28 -2.35
CA TYR A 202 -31.98 27.44 -3.19
C TYR A 202 -32.37 28.26 -4.42
N GLY A 203 -32.25 27.61 -5.58
CA GLY A 203 -32.56 28.23 -6.89
C GLY A 203 -31.31 28.27 -7.76
N GLU A 204 -31.21 27.42 -8.75
CA GLU A 204 -30.06 27.38 -9.69
C GLU A 204 -28.75 27.27 -8.94
N TYR A 205 -28.72 26.29 -8.05
CA TYR A 205 -27.58 26.19 -7.14
C TYR A 205 -27.43 24.74 -6.68
N PHE A 206 -26.20 24.29 -6.59
CA PHE A 206 -25.90 22.92 -6.22
C PHE A 206 -26.45 22.63 -4.81
N PRO A 207 -26.97 21.42 -4.52
CA PRO A 207 -27.23 20.27 -5.43
C PRO A 207 -28.56 20.30 -6.19
N GLY A 208 -29.37 21.34 -5.99
CA GLY A 208 -30.66 21.46 -6.64
C GLY A 208 -31.85 20.92 -5.84
N THR A 209 -31.60 20.41 -4.65
CA THR A 209 -32.56 19.83 -3.73
C THR A 209 -32.80 20.78 -2.51
N GLY A 210 -33.65 20.36 -1.58
CA GLY A 210 -33.93 21.14 -0.40
C GLY A 210 -35.02 22.17 -0.62
N ASP A 211 -36.01 21.87 -1.51
CA ASP A 211 -37.23 22.70 -1.59
C ASP A 211 -37.96 22.63 -0.23
N LEU A 212 -38.61 23.71 0.18
CA LEU A 212 -39.56 23.83 1.32
C LEU A 212 -40.49 22.60 1.41
N ARG A 213 -40.91 22.12 0.24
CA ARG A 213 -41.92 21.07 0.14
C ARG A 213 -41.37 19.65 0.32
N ASP A 214 -40.03 19.49 0.44
CA ASP A 214 -39.42 18.19 0.71
C ASP A 214 -39.40 18.03 2.22
N ILE A 215 -40.31 17.21 2.74
CA ILE A 215 -40.58 17.11 4.18
C ILE A 215 -40.33 15.70 4.72
N GLY A 216 -39.80 14.78 3.94
CA GLY A 216 -39.66 13.38 4.34
C GLY A 216 -40.73 12.49 3.76
N ALA A 217 -40.62 11.18 3.99
CA ALA A 217 -41.60 10.20 3.47
C ALA A 217 -41.73 9.04 4.44
N GLY A 218 -42.88 8.35 4.37
CA GLY A 218 -43.13 7.23 5.25
C GLY A 218 -43.15 7.66 6.72
N LYS A 219 -42.55 6.86 7.58
CA LYS A 219 -42.37 7.25 8.99
C LYS A 219 -41.59 8.56 9.17
N GLY A 220 -40.78 8.92 8.17
CA GLY A 220 -40.01 10.16 8.19
C GLY A 220 -40.74 11.38 7.67
N LYS A 221 -42.07 11.24 7.30
CA LYS A 221 -42.80 12.42 6.85
C LYS A 221 -42.91 13.42 8.00
N TYR A 222 -42.54 14.67 7.72
CA TYR A 222 -42.41 15.79 8.63
C TYR A 222 -41.08 15.81 9.43
N TYR A 223 -40.20 14.86 9.19
CA TYR A 223 -38.90 14.83 9.87
C TYR A 223 -37.76 15.33 8.98
N ALA A 224 -38.04 15.90 7.80
CA ALA A 224 -37.02 16.64 7.03
C ALA A 224 -37.55 18.07 6.93
N VAL A 225 -36.69 19.03 7.23
CA VAL A 225 -37.03 20.44 7.27
C VAL A 225 -36.02 21.18 6.40
N ASN A 226 -36.51 21.99 5.44
CA ASN A 226 -35.65 22.73 4.54
C ASN A 226 -36.06 24.16 4.52
N PHE A 227 -35.09 25.07 4.75
CA PHE A 227 -35.32 26.50 4.70
C PHE A 227 -34.53 27.07 3.50
N PRO A 228 -35.21 27.16 2.33
CA PRO A 228 -34.59 27.74 1.13
C PRO A 228 -34.44 29.23 1.22
N MET A 229 -33.26 29.71 0.89
CA MET A 229 -32.89 31.12 0.93
C MET A 229 -32.33 31.61 -0.41
N ARG A 230 -32.37 32.94 -0.59
CA ARG A 230 -31.81 33.67 -1.70
C ARG A 230 -30.46 34.25 -1.33
N ASP A 231 -29.76 34.79 -2.35
CA ASP A 231 -28.52 35.50 -2.10
C ASP A 231 -28.60 36.60 -1.08
N GLY A 232 -27.50 36.81 -0.35
CA GLY A 232 -27.30 38.04 0.39
C GLY A 232 -27.85 38.03 1.79
N ILE A 233 -28.29 36.85 2.31
CA ILE A 233 -28.78 36.81 3.69
C ILE A 233 -27.72 37.34 4.67
N ASP A 234 -28.16 38.08 5.65
CA ASP A 234 -27.31 38.77 6.58
C ASP A 234 -27.54 38.27 7.99
N ASP A 235 -26.70 38.71 8.92
CA ASP A 235 -26.73 38.21 10.30
C ASP A 235 -28.10 38.38 10.95
N GLU A 236 -28.68 39.57 10.81
CA GLU A 236 -29.97 39.87 11.45
C GLU A 236 -31.09 38.98 10.87
N SER A 237 -31.16 38.84 9.58
CA SER A 237 -32.19 38.03 8.92
C SER A 237 -32.06 36.54 9.28
N TYR A 238 -30.78 36.06 9.26
CA TYR A 238 -30.54 34.64 9.59
C TYR A 238 -30.87 34.41 11.07
N GLY A 239 -30.43 35.32 11.94
CA GLY A 239 -30.62 35.16 13.38
C GLY A 239 -32.07 35.11 13.81
N GLN A 240 -32.87 35.86 13.12
CA GLN A 240 -34.30 35.92 13.40
C GLN A 240 -35.12 34.76 12.91
N ILE A 241 -34.62 33.93 12.02
CA ILE A 241 -35.29 32.67 11.75
C ILE A 241 -34.64 31.48 12.43
N PHE A 242 -33.35 31.53 12.70
CA PHE A 242 -32.66 30.31 13.14
C PHE A 242 -33.13 29.93 14.55
N LYS A 243 -33.09 30.88 15.43
CA LYS A 243 -33.48 30.62 16.82
C LYS A 243 -34.95 30.16 16.96
N PRO A 244 -35.94 30.87 16.37
CA PRO A 244 -37.31 30.34 16.43
C PRO A 244 -37.51 28.96 15.83
N ILE A 245 -36.90 28.68 14.67
CA ILE A 245 -37.03 27.38 14.03
CA ILE A 245 -37.05 27.37 14.08
C ILE A 245 -36.43 26.28 14.94
N ILE A 246 -35.18 26.48 15.37
CA ILE A 246 -34.52 25.46 16.17
C ILE A 246 -35.24 25.29 17.52
N SER A 247 -35.70 26.37 18.12
CA SER A 247 -36.51 26.26 19.36
C SER A 247 -37.76 25.39 19.15
N LYS A 248 -38.46 25.59 18.04
CA LYS A 248 -39.70 24.82 17.77
C LYS A 248 -39.39 23.38 17.50
N VAL A 249 -38.32 23.13 16.72
CA VAL A 249 -37.83 21.79 16.50
C VAL A 249 -37.49 21.10 17.81
N MET A 250 -36.78 21.76 18.72
CA MET A 250 -36.37 21.15 20.00
C MET A 250 -37.65 20.82 20.81
N GLU A 251 -38.62 21.72 20.81
CA GLU A 251 -39.88 21.52 21.55
C GLU A 251 -40.66 20.33 21.04
N MET A 252 -40.80 20.21 19.72
CA MET A 252 -41.66 19.23 19.12
C MET A 252 -40.97 17.88 18.96
N TYR A 253 -39.67 17.88 18.59
CA TYR A 253 -38.93 16.65 18.35
C TYR A 253 -38.24 16.09 19.58
N GLN A 254 -37.78 16.93 20.53
CA GLN A 254 -37.15 16.47 21.75
C GLN A 254 -36.02 15.45 21.49
N PRO A 255 -35.02 15.86 20.69
CA PRO A 255 -33.91 14.95 20.43
C PRO A 255 -33.08 14.77 21.69
N SER A 256 -32.28 13.72 21.76
CA SER A 256 -31.34 13.57 22.87
C SER A 256 -29.88 13.78 22.47
N ALA A 257 -29.62 13.97 21.17
CA ALA A 257 -28.29 14.36 20.70
C ALA A 257 -28.47 15.20 19.43
N VAL A 258 -27.46 16.03 19.16
CA VAL A 258 -27.48 16.96 18.05
C VAL A 258 -26.19 16.91 17.29
N VAL A 259 -26.29 16.98 15.95
CA VAL A 259 -25.13 17.11 15.08
C VAL A 259 -25.32 18.40 14.34
N LEU A 260 -24.31 19.29 14.39
CA LEU A 260 -24.39 20.60 13.75
C LEU A 260 -23.28 20.70 12.74
N GLN A 261 -23.64 20.77 11.49
CA GLN A 261 -22.70 20.98 10.38
C GLN A 261 -22.52 22.51 10.22
N CYS A 262 -21.27 22.99 10.39
CA CYS A 262 -20.93 24.40 10.49
C CYS A 262 -20.23 24.90 9.22
N GLY A 263 -20.61 24.41 8.04
CA GLY A 263 -19.97 24.82 6.80
C GLY A 263 -19.88 26.34 6.70
N ALA A 264 -18.70 26.84 6.41
CA ALA A 264 -18.35 28.26 6.45
C ALA A 264 -18.49 28.93 5.07
N ASP A 265 -19.04 28.22 4.06
CA ASP A 265 -19.33 28.81 2.76
C ASP A 265 -20.60 29.70 2.78
N SER A 266 -21.30 29.78 3.93
CA SER A 266 -22.37 30.74 4.17
C SER A 266 -21.86 32.10 4.69
N LEU A 267 -20.52 32.27 4.81
CA LEU A 267 -19.95 33.55 5.19
C LEU A 267 -19.87 34.50 4.01
N SER A 268 -20.04 35.78 4.35
CA SER A 268 -19.70 36.90 3.51
C SER A 268 -18.30 36.74 2.87
N GLY A 269 -18.18 36.99 1.57
CA GLY A 269 -16.88 36.97 0.91
C GLY A 269 -16.41 35.58 0.52
N ASP A 270 -17.23 34.55 0.66
CA ASP A 270 -16.84 33.21 0.29
C ASP A 270 -16.65 33.15 -1.22
N ARG A 271 -15.58 32.51 -1.68
CA ARG A 271 -15.29 32.45 -3.11
C ARG A 271 -16.41 31.79 -3.92
N LEU A 272 -17.14 30.85 -3.32
CA LEU A 272 -18.21 30.15 -4.00
C LEU A 272 -19.62 30.50 -3.54
N GLY A 273 -19.77 31.05 -2.37
CA GLY A 273 -21.08 31.31 -1.78
C GLY A 273 -21.50 32.74 -1.98
N CYS A 274 -22.78 33.01 -1.88
CA CYS A 274 -23.35 34.32 -2.08
C CYS A 274 -24.21 34.74 -0.90
N PHE A 275 -23.92 34.23 0.33
CA PHE A 275 -24.48 34.78 1.56
C PHE A 275 -23.63 35.91 2.12
N ASN A 276 -24.13 36.57 3.15
CA ASN A 276 -23.49 37.73 3.73
C ASN A 276 -23.42 37.66 5.25
N LEU A 277 -23.17 36.47 5.81
CA LEU A 277 -23.00 36.33 7.26
C LEU A 277 -21.60 36.72 7.69
N THR A 278 -21.49 37.28 8.89
CA THR A 278 -20.19 37.46 9.53
C THR A 278 -19.85 36.18 10.35
N VAL A 279 -18.63 36.12 10.88
CA VAL A 279 -18.27 35.06 11.81
C VAL A 279 -19.18 35.07 13.06
N LYS A 280 -19.50 36.26 13.57
CA LYS A 280 -20.41 36.38 14.69
C LYS A 280 -21.79 35.87 14.36
N GLY A 281 -22.30 36.20 13.17
CA GLY A 281 -23.62 35.77 12.76
C GLY A 281 -23.70 34.24 12.57
N HIS A 282 -22.64 33.66 11.99
CA HIS A 282 -22.56 32.22 11.79
C HIS A 282 -22.48 31.55 13.19
N ALA A 283 -21.59 32.04 14.05
CA ALA A 283 -21.33 31.44 15.38
C ALA A 283 -22.53 31.57 16.30
N LYS A 284 -23.44 32.56 16.07
CA LYS A 284 -24.69 32.66 16.82
C LYS A 284 -25.49 31.35 16.71
N CYS A 285 -25.40 30.63 15.58
CA CYS A 285 -26.04 29.32 15.45
C CYS A 285 -25.52 28.31 16.44
N VAL A 286 -24.18 28.29 16.64
CA VAL A 286 -23.55 27.41 17.63
C VAL A 286 -24.05 27.77 19.01
N GLU A 287 -24.05 29.07 19.33
CA GLU A 287 -24.52 29.55 20.65
C GLU A 287 -25.96 29.09 20.90
N VAL A 288 -26.84 29.30 19.94
CA VAL A 288 -28.24 28.87 20.05
C VAL A 288 -28.36 27.34 20.32
N VAL A 289 -27.65 26.53 19.52
CA VAL A 289 -27.75 25.06 19.72
C VAL A 289 -27.22 24.66 21.10
N LYS A 290 -26.08 25.21 21.46
CA LYS A 290 -25.46 24.96 22.76
C LYS A 290 -26.38 25.21 23.97
N THR A 291 -27.33 26.20 23.89
CA THR A 291 -28.26 26.52 24.99
C THR A 291 -29.18 25.39 25.37
N PHE A 292 -29.41 24.43 24.47
CA PHE A 292 -30.28 23.29 24.78
C PHE A 292 -29.60 22.22 25.61
N ASN A 293 -28.29 22.31 25.82
CA ASN A 293 -27.56 21.43 26.73
C ASN A 293 -27.71 19.96 26.38
N LEU A 294 -27.65 19.65 25.08
CA LEU A 294 -27.70 18.29 24.61
C LEU A 294 -26.33 17.89 24.11
N PRO A 295 -25.98 16.60 24.20
CA PRO A 295 -24.73 16.14 23.56
C PRO A 295 -24.66 16.64 22.12
N LEU A 296 -23.54 17.25 21.75
CA LEU A 296 -23.42 18.01 20.50
C LEU A 296 -22.14 17.65 19.78
N LEU A 297 -22.28 17.19 18.53
CA LEU A 297 -21.19 16.98 17.62
C LEU A 297 -21.16 18.10 16.60
N MET A 298 -20.12 18.92 16.65
CA MET A 298 -19.89 20.02 15.74
C MET A 298 -18.93 19.60 14.64
N LEU A 299 -19.37 19.73 13.40
CA LEU A 299 -18.61 19.34 12.25
C LEU A 299 -18.31 20.52 11.35
N GLY A 300 -17.26 20.37 10.54
CA GLY A 300 -16.94 21.32 9.49
C GLY A 300 -17.90 21.22 8.30
N GLY A 301 -17.39 21.60 7.15
CA GLY A 301 -18.18 21.72 5.94
C GLY A 301 -17.44 22.54 4.92
N GLY A 302 -18.21 23.24 4.09
CA GLY A 302 -17.59 24.05 3.05
C GLY A 302 -16.91 25.28 3.56
N GLY A 303 -16.44 26.08 2.63
CA GLY A 303 -15.74 27.32 2.90
C GLY A 303 -14.48 27.41 2.08
N TYR A 304 -14.39 28.47 1.27
CA TYR A 304 -13.46 28.58 0.13
C TYR A 304 -12.61 29.84 0.20
N THR A 305 -12.93 30.79 1.08
CA THR A 305 -12.04 31.90 1.40
C THR A 305 -11.34 31.47 2.66
N ILE A 306 -10.15 30.90 2.52
CA ILE A 306 -9.69 30.01 3.59
C ILE A 306 -9.32 30.80 4.85
N ARG A 307 -8.90 32.06 4.72
CA ARG A 307 -8.67 32.88 5.92
C ARG A 307 -9.95 33.03 6.78
N ASN A 308 -11.12 33.14 6.13
CA ASN A 308 -12.38 33.28 6.84
C ASN A 308 -12.85 31.98 7.43
N VAL A 309 -12.53 30.86 6.76
CA VAL A 309 -12.82 29.53 7.36
C VAL A 309 -12.06 29.37 8.67
N ALA A 310 -10.75 29.69 8.67
CA ALA A 310 -9.94 29.57 9.87
C ALA A 310 -10.49 30.47 11.00
N ARG A 311 -10.85 31.70 10.67
CA ARG A 311 -11.47 32.62 11.63
C ARG A 311 -12.76 32.02 12.20
N CYS A 312 -13.62 31.53 11.32
CA CYS A 312 -14.93 31.05 11.70
C CYS A 312 -14.84 29.88 12.67
N TRP A 313 -14.06 28.86 12.31
CA TRP A 313 -13.98 27.65 13.14
C TRP A 313 -13.14 27.86 14.39
N THR A 314 -12.17 28.78 14.34
CA THR A 314 -11.48 29.19 15.57
C THR A 314 -12.49 29.83 16.56
N TYR A 315 -13.27 30.80 16.07
CA TYR A 315 -14.23 31.49 16.92
C TYR A 315 -15.30 30.50 17.42
N GLU A 316 -15.75 29.56 16.58
CA GLU A 316 -16.77 28.59 16.99
C GLU A 316 -16.23 27.58 18.00
N THR A 317 -14.92 27.28 17.93
CA THR A 317 -14.28 26.45 18.99
C THR A 317 -14.29 27.25 20.32
N ALA A 318 -13.94 28.53 20.25
CA ALA A 318 -14.00 29.41 21.44
C ALA A 318 -15.41 29.51 22.01
N VAL A 319 -16.43 29.62 21.14
CA VAL A 319 -17.85 29.61 21.56
C VAL A 319 -18.16 28.30 22.27
N ALA A 320 -17.76 27.17 21.71
CA ALA A 320 -18.01 25.87 22.33
C ALA A 320 -17.45 25.82 23.78
N LEU A 321 -16.28 26.45 23.96
CA LEU A 321 -15.54 26.52 25.23
C LEU A 321 -15.99 27.67 26.13
N ASP A 322 -16.91 28.54 25.71
CA ASP A 322 -17.29 29.78 26.43
C ASP A 322 -16.06 30.58 26.78
N CYS A 323 -15.13 30.70 25.81
CA CYS A 323 -13.86 31.34 26.04
C CYS A 323 -13.78 32.56 25.18
N GLU A 324 -13.72 33.74 25.81
CA GLU A 324 -13.64 34.99 25.08
C GLU A 324 -12.22 35.09 24.50
N ILE A 325 -12.11 35.38 23.20
CA ILE A 325 -10.81 35.57 22.59
C ILE A 325 -10.73 36.95 21.95
N PRO A 326 -9.53 37.55 21.97
CA PRO A 326 -9.37 38.88 21.36
C PRO A 326 -9.53 38.95 19.85
N ASN A 327 -10.03 40.07 19.38
CA ASN A 327 -10.18 40.30 17.96
C ASN A 327 -8.79 40.43 17.28
N GLU A 328 -7.77 40.91 18.01
CA GLU A 328 -6.42 40.98 17.46
C GLU A 328 -5.89 39.56 17.28
N LEU A 329 -5.58 39.13 16.04
CA LEU A 329 -5.10 37.77 15.83
C LEU A 329 -3.72 37.58 16.46
N PRO A 330 -3.49 36.45 17.11
CA PRO A 330 -2.12 36.14 17.58
C PRO A 330 -1.27 35.81 16.37
N TYR A 331 0.06 35.98 16.51
CA TYR A 331 0.96 35.47 15.49
C TYR A 331 0.74 33.95 15.28
N ASN A 332 0.89 33.49 14.08
CA ASN A 332 0.70 32.08 13.74
C ASN A 332 1.41 31.79 12.39
N ASP A 333 1.48 30.50 12.03
CA ASP A 333 2.23 30.05 10.83
C ASP A 333 1.67 30.56 9.53
N TYR A 334 0.40 31.08 9.56
CA TYR A 334 -0.29 31.57 8.37
C TYR A 334 -0.66 33.02 8.49
N PHE A 335 0.06 33.76 9.32
CA PHE A 335 -0.32 35.12 9.66
C PHE A 335 -0.59 36.03 8.47
N GLU A 336 0.22 35.90 7.43
CA GLU A 336 0.04 36.74 6.25
C GLU A 336 -1.30 36.50 5.49
N TYR A 337 -1.91 35.36 5.70
CA TYR A 337 -3.20 35.08 5.05
C TYR A 337 -4.30 35.95 5.60
N PHE A 338 -4.13 36.55 6.81
CA PHE A 338 -5.14 37.30 7.50
C PHE A 338 -5.01 38.82 7.30
N GLY A 339 -4.12 39.24 6.42
CA GLY A 339 -4.08 40.63 6.01
C GLY A 339 -5.33 41.02 5.22
N PRO A 340 -5.54 42.30 5.05
CA PRO A 340 -4.67 43.40 5.53
C PRO A 340 -4.92 43.85 6.98
N ASP A 341 -5.93 43.30 7.62
CA ASP A 341 -6.40 43.76 8.93
C ASP A 341 -5.83 42.94 10.12
N PHE A 342 -5.54 41.64 9.93
CA PHE A 342 -5.04 40.75 11.01
C PHE A 342 -6.00 40.71 12.23
N LYS A 343 -7.33 40.80 11.96
CA LYS A 343 -8.40 40.65 12.98
C LYS A 343 -9.14 39.33 12.81
N LEU A 344 -9.77 38.87 13.86
CA LEU A 344 -10.55 37.65 13.85
C LEU A 344 -11.88 37.84 13.14
N HIS A 345 -12.57 38.94 13.44
CA HIS A 345 -13.92 39.19 12.95
C HIS A 345 -13.92 39.85 11.58
N ILE A 346 -14.99 39.64 10.81
CA ILE A 346 -15.11 40.14 9.46
C ILE A 346 -16.33 41.05 9.36
N SER A 347 -16.30 41.90 8.35
CA SER A 347 -17.44 42.74 8.00
C SER A 347 -18.27 42.15 6.92
N PRO A 348 -19.57 42.45 6.93
CA PRO A 348 -20.40 42.06 5.80
C PRO A 348 -20.06 42.94 4.60
N SER A 349 -20.42 42.45 3.42
CA SER A 349 -20.31 43.25 2.20
C SER A 349 -21.58 44.12 2.06
N ASN A 350 -21.57 44.99 1.02
CA ASN A 350 -22.72 45.82 0.67
C ASN A 350 -23.73 45.11 -0.23
N MET A 351 -23.61 43.79 -0.44
CA MET A 351 -24.53 43.09 -1.33
C MET A 351 -25.95 43.19 -0.86
N THR A 352 -26.89 43.21 -1.83
CA THR A 352 -28.30 43.25 -1.51
C THR A 352 -28.74 41.94 -0.88
N ASN A 353 -29.51 42.02 0.19
CA ASN A 353 -30.19 40.87 0.74
C ASN A 353 -31.47 40.61 -0.05
N GLN A 354 -31.49 39.58 -0.89
CA GLN A 354 -32.69 39.21 -1.68
C GLN A 354 -33.80 38.54 -0.87
N ASN A 355 -33.48 38.16 0.39
CA ASN A 355 -34.40 37.59 1.38
C ASN A 355 -35.11 38.68 2.17
N THR A 356 -36.26 39.06 1.70
CA THR A 356 -36.99 40.14 2.38
C THR A 356 -37.47 39.64 3.74
N PRO A 357 -37.67 40.55 4.70
CA PRO A 357 -38.26 40.12 6.00
C PRO A 357 -39.57 39.33 5.88
N GLU A 358 -40.43 39.71 4.92
CA GLU A 358 -41.67 38.99 4.68
C GLU A 358 -41.44 37.60 4.16
N TYR A 359 -40.47 37.43 3.21
CA TYR A 359 -40.10 36.10 2.71
C TYR A 359 -39.64 35.24 3.88
N MET A 360 -38.76 35.82 4.72
CA MET A 360 -38.25 35.02 5.88
C MET A 360 -39.35 34.56 6.80
N GLU A 361 -40.25 35.46 7.17
CA GLU A 361 -41.41 35.12 8.05
C GLU A 361 -42.31 34.14 7.44
N LYS A 362 -42.53 34.27 6.10
CA LYS A 362 -43.50 33.38 5.44
C LYS A 362 -42.96 31.96 5.38
N ILE A 363 -41.67 31.79 5.04
CA ILE A 363 -41.09 30.46 4.99
C ILE A 363 -41.12 29.83 6.41
N LYS A 364 -40.78 30.64 7.39
CA LYS A 364 -40.87 30.21 8.81
C LYS A 364 -42.24 29.73 9.19
N GLN A 365 -43.27 30.52 8.83
CA GLN A 365 -44.64 30.12 9.11
C GLN A 365 -45.02 28.81 8.45
N ARG A 366 -44.59 28.56 7.20
CA ARG A 366 -44.86 27.30 6.53
C ARG A 366 -44.18 26.11 7.23
N LEU A 367 -42.91 26.33 7.65
CA LEU A 367 -42.20 25.25 8.33
C LEU A 367 -42.87 25.01 9.70
N PHE A 368 -43.33 26.07 10.40
CA PHE A 368 -44.06 25.88 11.69
C PHE A 368 -45.31 25.05 11.50
N GLU A 369 -46.03 25.20 10.36
CA GLU A 369 -47.24 24.39 10.09
C GLU A 369 -46.87 22.90 9.98
N ASN A 370 -45.71 22.63 9.34
CA ASN A 370 -45.22 21.26 9.24
C ASN A 370 -44.81 20.70 10.60
N LEU A 371 -44.19 21.49 11.43
CA LEU A 371 -43.74 21.07 12.75
C LEU A 371 -44.95 20.74 13.68
N ARG A 372 -46.13 21.34 13.41
N ARG A 372 -46.12 21.36 13.43
CA ARG A 372 -47.38 21.00 14.13
CA ARG A 372 -47.37 21.01 14.12
C ARG A 372 -47.95 19.64 13.82
C ARG A 372 -47.79 19.56 13.94
N MET A 373 -47.44 19.00 12.79
CA MET A 373 -47.80 17.65 12.46
C MET A 373 -47.02 16.58 13.22
N LEU A 374 -45.96 16.93 13.97
CA LEU A 374 -45.29 15.96 14.85
C LEU A 374 -46.20 15.55 16.01
N PRO A 375 -46.06 14.33 16.58
CA PRO A 375 -46.97 13.91 17.66
C PRO A 375 -46.73 14.63 18.98
N LYS B 9 17.41 11.03 14.76
CA LYS B 9 17.10 11.56 13.42
C LYS B 9 16.22 10.60 12.59
N LYS B 10 16.34 9.32 12.81
CA LYS B 10 15.36 8.35 12.31
C LYS B 10 13.98 8.65 12.90
N LYS B 11 12.96 8.51 12.09
CA LYS B 11 11.59 8.85 12.46
C LYS B 11 10.91 7.65 13.17
N VAL B 12 10.12 7.93 14.24
CA VAL B 12 9.40 6.95 15.02
C VAL B 12 7.93 7.29 15.04
N CYS B 13 7.07 6.31 14.68
CA CYS B 13 5.65 6.43 14.90
C CYS B 13 5.23 5.39 15.94
N TYR B 14 4.27 5.71 16.71
CA TYR B 14 3.89 4.95 17.90
C TYR B 14 2.38 4.86 17.96
N TYR B 15 1.84 3.65 18.26
CA TYR B 15 0.40 3.39 18.27
C TYR B 15 -0.08 3.13 19.64
N TYR B 16 -1.17 3.80 20.01
CA TYR B 16 -1.79 3.63 21.30
C TYR B 16 -3.24 4.01 21.27
N ASP B 17 -4.09 3.15 21.81
CA ASP B 17 -5.50 3.53 22.02
C ASP B 17 -5.76 3.64 23.52
N GLY B 18 -6.29 4.77 23.94
CA GLY B 18 -6.56 5.05 25.35
C GLY B 18 -7.51 4.10 26.07
N ASP B 19 -8.21 3.25 25.33
CA ASP B 19 -9.02 2.22 25.95
C ASP B 19 -8.26 0.92 26.23
N ILE B 20 -7.03 0.78 25.71
CA ILE B 20 -6.36 -0.54 25.75
C ILE B 20 -6.20 -1.04 27.20
N GLY B 21 -5.94 -0.14 28.11
CA GLY B 21 -5.79 -0.49 29.53
C GLY B 21 -7.02 -0.90 30.28
N ASN B 22 -8.21 -0.74 29.68
CA ASN B 22 -9.47 -1.06 30.30
C ASN B 22 -9.94 -2.49 30.03
N TYR B 23 -9.31 -3.23 29.11
CA TYR B 23 -9.67 -4.61 28.85
C TYR B 23 -9.07 -5.42 29.99
N TYR B 24 -9.84 -6.31 30.54
CA TYR B 24 -9.48 -7.01 31.78
C TYR B 24 -9.66 -8.49 31.58
N TYR B 25 -8.59 -9.27 31.71
CA TYR B 25 -8.64 -10.70 31.48
C TYR B 25 -9.40 -11.46 32.57
N GLY B 26 -9.62 -10.87 33.72
CA GLY B 26 -10.40 -11.50 34.79
C GLY B 26 -9.59 -11.61 36.05
N GLN B 27 -10.29 -11.82 37.17
CA GLN B 27 -9.63 -11.91 38.48
C GLN B 27 -8.59 -13.02 38.50
N GLY B 28 -7.40 -12.69 38.96
CA GLY B 28 -6.31 -13.65 39.09
C GLY B 28 -5.52 -13.89 37.80
N HIS B 29 -5.97 -13.37 36.66
CA HIS B 29 -5.21 -13.61 35.40
C HIS B 29 -4.00 -12.66 35.39
N PRO B 30 -2.78 -13.21 35.19
CA PRO B 30 -1.58 -12.35 35.24
C PRO B 30 -1.40 -11.36 34.10
N MET B 31 -2.12 -11.55 32.98
CA MET B 31 -1.98 -10.62 31.85
C MET B 31 -2.82 -9.36 32.15
N LYS B 32 -2.16 -8.19 32.23
CA LYS B 32 -2.79 -6.93 32.64
C LYS B 32 -2.60 -5.88 31.57
N PRO B 33 -3.56 -5.70 30.64
CA PRO B 33 -3.42 -4.64 29.62
C PRO B 33 -3.14 -3.24 30.18
N HIS B 34 -3.56 -2.99 31.42
CA HIS B 34 -3.28 -1.76 32.15
C HIS B 34 -1.78 -1.34 32.10
N ARG B 35 -0.88 -2.35 32.02
CA ARG B 35 0.53 -2.08 31.95
C ARG B 35 0.89 -1.21 30.70
N ILE B 36 0.10 -1.33 29.63
CA ILE B 36 0.33 -0.53 28.40
C ILE B 36 -0.03 0.95 28.67
N ARG B 37 -1.09 1.17 29.43
CA ARG B 37 -1.48 2.53 29.84
C ARG B 37 -0.42 3.11 30.78
N MET B 38 0.11 2.30 31.71
CA MET B 38 1.21 2.80 32.57
C MET B 38 2.40 3.20 31.78
N THR B 39 2.77 2.39 30.77
CA THR B 39 3.86 2.68 29.84
C THR B 39 3.63 4.01 29.15
N HIS B 40 2.47 4.17 28.58
CA HIS B 40 2.10 5.38 27.81
C HIS B 40 2.21 6.61 28.73
N ASN B 41 1.63 6.50 29.92
CA ASN B 41 1.60 7.67 30.85
C ASN B 41 3.03 8.07 31.30
N LEU B 42 3.88 7.07 31.51
CA LEU B 42 5.23 7.32 31.92
C LEU B 42 5.98 8.04 30.78
N LEU B 43 5.84 7.52 29.55
CA LEU B 43 6.63 8.07 28.45
C LEU B 43 6.10 9.48 28.10
N LEU B 44 4.77 9.74 28.29
CA LEU B 44 4.23 11.09 28.13
C LEU B 44 4.86 12.05 29.17
N ASN B 45 4.99 11.59 30.43
CA ASN B 45 5.56 12.42 31.46
C ASN B 45 7.05 12.65 31.33
N TYR B 46 7.74 11.78 30.59
CA TYR B 46 9.12 12.05 30.20
C TYR B 46 9.25 13.05 29.01
N GLY B 47 8.13 13.38 28.39
CA GLY B 47 8.11 14.28 27.25
C GLY B 47 8.40 13.65 25.91
N LEU B 48 8.38 12.31 25.82
CA LEU B 48 8.77 11.64 24.55
C LEU B 48 7.77 11.88 23.43
N TYR B 49 6.54 12.29 23.74
CA TYR B 49 5.56 12.65 22.70
C TYR B 49 6.07 13.79 21.81
N ARG B 50 7.00 14.63 22.30
CA ARG B 50 7.54 15.76 21.51
C ARG B 50 8.39 15.31 20.34
N LYS B 51 8.87 14.05 20.34
CA LYS B 51 9.81 13.53 19.39
C LYS B 51 9.28 12.47 18.44
N MET B 52 8.02 12.07 18.56
CA MET B 52 7.49 10.97 17.78
C MET B 52 6.04 11.26 17.37
N GLU B 53 5.59 10.63 16.32
CA GLU B 53 4.22 10.73 15.91
C GLU B 53 3.43 9.66 16.65
N ILE B 54 2.38 10.05 17.32
CA ILE B 54 1.52 9.15 18.04
C ILE B 54 0.18 9.03 17.31
N TYR B 55 -0.23 7.80 17.01
CA TYR B 55 -1.46 7.47 16.33
C TYR B 55 -2.31 6.58 17.16
N ARG B 56 -3.62 6.69 16.99
CA ARG B 56 -4.52 5.70 17.55
C ARG B 56 -4.67 4.63 16.48
N PRO B 57 -4.52 3.38 16.81
CA PRO B 57 -4.73 2.32 15.83
C PRO B 57 -6.20 2.23 15.41
N HIS B 58 -6.46 1.80 14.21
CA HIS B 58 -7.83 1.42 13.84
C HIS B 58 -8.14 0.08 14.50
N LYS B 59 -9.43 -0.30 14.48
CA LYS B 59 -9.81 -1.62 14.88
C LYS B 59 -9.64 -2.50 13.70
N ALA B 60 -8.68 -3.44 13.77
CA ALA B 60 -8.46 -4.34 12.66
C ALA B 60 -9.72 -5.11 12.30
N THR B 61 -10.03 -5.21 11.00
CA THR B 61 -11.27 -5.82 10.59
C THR B 61 -11.12 -7.32 10.53
N ALA B 62 -12.25 -8.03 10.54
CA ALA B 62 -12.26 -9.46 10.32
C ALA B 62 -11.54 -9.81 8.93
N GLU B 63 -11.64 -9.00 7.83
CA GLU B 63 -10.90 -9.10 6.55
C GLU B 63 -9.39 -9.08 6.75
N GLU B 64 -8.88 -8.13 7.58
CA GLU B 64 -7.48 -8.08 7.92
C GLU B 64 -7.05 -9.33 8.64
N MET B 65 -7.80 -9.77 9.65
CA MET B 65 -7.39 -10.88 10.50
C MET B 65 -7.36 -12.21 9.74
N THR B 66 -8.30 -12.37 8.79
CA THR B 66 -8.36 -13.60 7.98
C THR B 66 -7.34 -13.60 6.85
N LYS B 67 -6.44 -12.60 6.73
CA LYS B 67 -5.23 -12.79 5.93
C LYS B 67 -4.37 -13.94 6.47
N TYR B 68 -4.54 -14.27 7.78
CA TYR B 68 -3.88 -15.44 8.35
C TYR B 68 -4.85 -16.42 8.99
N HIS B 69 -5.70 -15.95 9.90
CA HIS B 69 -6.54 -16.78 10.73
C HIS B 69 -7.73 -17.31 9.93
N SER B 70 -8.26 -18.44 10.37
CA SER B 70 -9.40 -19.02 9.66
C SER B 70 -10.65 -18.19 9.92
N ASP B 71 -11.55 -18.16 8.92
CA ASP B 71 -12.80 -17.46 9.03
C ASP B 71 -13.64 -17.91 10.20
N GLU B 72 -13.72 -19.21 10.47
CA GLU B 72 -14.55 -19.72 11.55
C GLU B 72 -13.99 -19.31 12.93
N TYR B 73 -12.67 -19.30 13.05
CA TYR B 73 -12.06 -18.84 14.30
C TYR B 73 -12.36 -17.36 14.55
N ILE B 74 -12.17 -16.51 13.54
CA ILE B 74 -12.43 -15.08 13.70
C ILE B 74 -13.91 -14.83 13.98
N LYS B 75 -14.80 -15.53 13.28
CA LYS B 75 -16.24 -15.39 13.52
C LYS B 75 -16.57 -15.75 14.97
N PHE B 76 -15.96 -16.83 15.48
CA PHE B 76 -16.14 -17.23 16.88
C PHE B 76 -15.66 -16.12 17.83
N LEU B 77 -14.45 -15.56 17.60
CA LEU B 77 -13.95 -14.50 18.48
C LEU B 77 -14.86 -13.28 18.47
N ARG B 78 -15.47 -12.99 17.31
CA ARG B 78 -16.37 -11.84 17.14
C ARG B 78 -17.74 -12.09 17.80
N SER B 79 -18.08 -13.36 18.14
CA SER B 79 -19.39 -13.80 18.67
C SER B 79 -19.40 -14.04 20.16
N ILE B 80 -18.31 -14.56 20.67
CA ILE B 80 -18.26 -15.04 22.03
C ILE B 80 -18.27 -13.92 23.05
N ARG B 81 -19.11 -14.06 24.10
CA ARG B 81 -19.21 -13.09 25.18
C ARG B 81 -19.43 -13.82 26.51
N PRO B 82 -19.11 -13.20 27.66
CA PRO B 82 -19.38 -13.86 28.95
C PRO B 82 -20.84 -14.32 29.08
N ASP B 83 -21.81 -13.59 28.49
CA ASP B 83 -23.26 -13.89 28.63
C ASP B 83 -23.76 -15.00 27.72
N ASN B 84 -23.01 -15.41 26.66
CA ASN B 84 -23.45 -16.51 25.79
C ASN B 84 -22.53 -17.73 25.77
N MET B 85 -21.54 -17.79 26.68
CA MET B 85 -20.59 -18.89 26.75
C MET B 85 -21.20 -20.26 26.85
N SER B 86 -22.36 -20.39 27.52
CA SER B 86 -23.06 -21.68 27.64
C SER B 86 -23.46 -22.22 26.28
N GLU B 87 -23.85 -21.34 25.36
CA GLU B 87 -24.25 -21.74 24.00
C GLU B 87 -23.06 -22.18 23.13
N TYR B 88 -21.81 -21.87 23.53
CA TYR B 88 -20.66 -22.03 22.66
C TYR B 88 -19.64 -23.01 23.27
N SER B 89 -20.05 -23.93 24.18
CA SER B 89 -19.09 -24.77 24.90
C SER B 89 -18.21 -25.57 23.96
N LYS B 90 -18.81 -26.07 22.88
CA LYS B 90 -18.14 -26.88 21.92
C LYS B 90 -17.13 -26.05 21.08
N GLN B 91 -17.52 -24.82 20.69
CA GLN B 91 -16.63 -23.94 19.95
C GLN B 91 -15.49 -23.44 20.86
N MET B 92 -15.74 -23.22 22.15
CA MET B 92 -14.69 -22.82 23.08
C MET B 92 -13.60 -23.88 23.17
N GLN B 93 -14.01 -25.14 23.21
CA GLN B 93 -13.07 -26.24 23.20
C GLN B 93 -12.28 -26.29 21.90
N ARG B 94 -12.96 -26.17 20.75
CA ARG B 94 -12.31 -26.28 19.44
C ARG B 94 -11.24 -25.17 19.29
N PHE B 95 -11.56 -23.97 19.74
CA PHE B 95 -10.67 -22.81 19.54
C PHE B 95 -9.77 -22.48 20.75
N ASN B 96 -9.80 -23.31 21.79
CA ASN B 96 -8.95 -23.22 22.97
C ASN B 96 -9.20 -21.90 23.74
N VAL B 97 -10.49 -21.48 23.82
CA VAL B 97 -10.89 -20.30 24.57
C VAL B 97 -11.65 -20.76 25.83
N GLY B 98 -11.31 -20.16 26.98
CA GLY B 98 -12.05 -20.35 28.23
C GLY B 98 -11.19 -20.58 29.46
N GLU B 99 -9.87 -20.88 29.32
CA GLU B 99 -8.98 -21.12 30.49
C GLU B 99 -7.80 -20.11 30.50
N ASP B 100 -6.61 -20.43 29.97
CA ASP B 100 -5.51 -19.47 29.84
C ASP B 100 -5.93 -18.31 28.97
N CYS B 101 -6.81 -18.58 27.99
CA CYS B 101 -7.27 -17.56 27.06
C CYS B 101 -8.77 -17.35 27.40
N PRO B 102 -9.09 -16.59 28.44
CA PRO B 102 -10.50 -16.45 28.84
C PRO B 102 -11.37 -15.65 27.92
N VAL B 103 -12.70 -15.83 28.08
CA VAL B 103 -13.67 -14.92 27.51
C VAL B 103 -13.80 -13.73 28.48
N PHE B 104 -13.65 -12.53 27.97
CA PHE B 104 -13.86 -11.32 28.74
C PHE B 104 -14.57 -10.29 27.92
N ASP B 105 -15.21 -9.32 28.60
CA ASP B 105 -15.93 -8.25 27.94
C ASP B 105 -14.98 -7.46 27.02
N GLY B 106 -15.35 -7.30 25.77
CA GLY B 106 -14.53 -6.53 24.84
C GLY B 106 -13.35 -7.29 24.26
N LEU B 107 -13.30 -8.63 24.45
CA LEU B 107 -12.23 -9.49 23.92
C LEU B 107 -11.94 -9.18 22.44
N PHE B 108 -12.97 -9.13 21.60
CA PHE B 108 -12.72 -8.97 20.16
C PHE B 108 -12.16 -7.56 19.93
N GLU B 109 -12.68 -6.52 20.60
CA GLU B 109 -12.15 -5.17 20.44
C GLU B 109 -10.68 -5.08 20.87
N PHE B 110 -10.31 -5.75 21.96
CA PHE B 110 -8.91 -5.85 22.41
C PHE B 110 -8.05 -6.43 21.31
N CYS B 111 -8.52 -7.55 20.69
CA CYS B 111 -7.82 -8.15 19.55
C CYS B 111 -7.68 -7.14 18.41
N GLN B 112 -8.75 -6.44 18.13
CA GLN B 112 -8.78 -5.48 17.02
C GLN B 112 -7.77 -4.34 17.21
N LEU B 113 -7.64 -3.85 18.40
CA LEU B 113 -6.77 -2.71 18.72
C LEU B 113 -5.31 -3.14 18.80
N SER B 114 -5.05 -4.27 19.41
CA SER B 114 -3.71 -4.92 19.43
C SER B 114 -3.21 -5.14 18.03
N THR B 115 -4.05 -5.77 17.19
CA THR B 115 -3.68 -6.06 15.81
C THR B 115 -3.58 -4.82 14.95
N GLY B 116 -4.53 -3.91 15.10
CA GLY B 116 -4.54 -2.68 14.33
C GLY B 116 -3.25 -1.89 14.42
N GLY B 117 -2.69 -1.82 15.63
CA GLY B 117 -1.43 -1.11 15.81
C GLY B 117 -0.29 -1.76 15.01
N SER B 118 -0.23 -3.11 15.01
CA SER B 118 0.86 -3.81 14.34
C SER B 118 0.76 -3.70 12.83
N VAL B 119 -0.45 -3.92 12.31
CA VAL B 119 -0.65 -3.84 10.85
C VAL B 119 -0.48 -2.39 10.37
N ALA B 120 -1.02 -1.42 11.09
CA ALA B 120 -0.85 0.01 10.74
C ALA B 120 0.63 0.39 10.72
N GLY B 121 1.38 -0.10 11.73
CA GLY B 121 2.81 0.08 11.77
C GLY B 121 3.53 -0.45 10.57
N ALA B 122 3.21 -1.66 10.17
CA ALA B 122 3.79 -2.31 9.01
C ALA B 122 3.47 -1.52 7.72
N VAL B 123 2.23 -1.03 7.60
CA VAL B 123 1.86 -0.20 6.45
C VAL B 123 2.72 1.06 6.40
N LYS B 124 2.93 1.76 7.53
CA LYS B 124 3.78 2.93 7.56
C LYS B 124 5.18 2.68 7.14
N LEU B 125 5.72 1.57 7.59
CA LEU B 125 7.05 1.16 7.18
C LEU B 125 7.11 0.88 5.67
N ASN B 126 6.13 0.10 5.13
CA ASN B 126 6.02 -0.23 3.67
C ASN B 126 5.96 1.04 2.83
N ARG B 127 5.21 2.05 3.31
CA ARG B 127 5.06 3.36 2.61
C ARG B 127 6.27 4.27 2.79
N GLN B 128 7.29 3.85 3.54
CA GLN B 128 8.51 4.63 3.82
C GLN B 128 8.17 5.95 4.48
N GLN B 129 7.09 5.98 5.29
CA GLN B 129 6.72 7.18 6.02
C GLN B 129 7.30 7.21 7.45
N THR B 130 7.95 6.12 7.88
CA THR B 130 8.68 6.07 9.12
C THR B 130 9.83 5.07 8.99
N ASP B 131 10.81 5.21 9.86
CA ASP B 131 11.93 4.27 10.01
C ASP B 131 11.61 3.19 11.05
N MET B 132 10.89 3.57 12.11
CA MET B 132 10.47 2.68 13.16
C MET B 132 9.02 2.89 13.46
N ALA B 133 8.31 1.81 13.73
CA ALA B 133 6.93 1.86 14.24
C ALA B 133 6.88 1.05 15.52
N VAL B 134 6.14 1.52 16.49
CA VAL B 134 6.04 0.91 17.82
C VAL B 134 4.59 0.62 18.18
N ASN B 135 4.33 -0.63 18.61
CA ASN B 135 3.02 -1.02 19.12
C ASN B 135 3.18 -1.88 20.36
N TRP B 136 3.17 -1.22 21.52
CA TRP B 136 3.37 -1.98 22.76
C TRP B 136 2.18 -2.89 23.10
N ALA B 137 1.00 -2.66 22.50
CA ALA B 137 -0.13 -3.54 22.69
C ALA B 137 -0.04 -4.82 21.84
N GLY B 138 0.95 -4.95 20.98
CA GLY B 138 1.12 -6.09 20.09
C GLY B 138 2.12 -7.11 20.65
N GLY B 139 2.52 -8.03 19.81
CA GLY B 139 3.47 -9.08 20.18
C GLY B 139 2.88 -10.36 20.68
N LEU B 140 1.65 -10.69 20.24
CA LEU B 140 0.94 -11.83 20.78
C LEU B 140 1.32 -13.11 20.04
N HIS B 141 2.57 -13.56 20.35
CA HIS B 141 3.31 -14.54 19.51
C HIS B 141 2.79 -15.96 19.53
N HIS B 142 1.91 -16.32 20.49
CA HIS B 142 1.43 -17.70 20.60
C HIS B 142 0.17 -18.02 19.78
N ALA B 143 -0.60 -16.99 19.34
CA ALA B 143 -1.86 -17.29 18.67
C ALA B 143 -1.61 -18.08 17.38
N LYS B 144 -2.48 -19.03 17.12
CA LYS B 144 -2.35 -19.92 15.96
C LYS B 144 -3.45 -19.62 14.93
N LYS B 145 -3.32 -20.25 13.75
CA LYS B 145 -4.24 -19.97 12.66
C LYS B 145 -5.73 -20.11 13.08
N SER B 146 -6.07 -21.17 13.82
CA SER B 146 -7.46 -21.44 14.23
C SER B 146 -7.58 -21.78 15.70
N GLU B 147 -6.66 -21.23 16.55
CA GLU B 147 -6.78 -21.47 17.96
C GLU B 147 -6.07 -20.38 18.75
N ALA B 148 -6.68 -20.01 19.87
CA ALA B 148 -6.03 -19.18 20.88
C ALA B 148 -4.96 -20.01 21.62
N SER B 149 -3.97 -19.35 22.19
CA SER B 149 -2.97 -20.05 22.99
C SER B 149 -2.20 -19.06 23.86
N GLY B 150 -1.93 -19.43 25.11
CA GLY B 150 -1.03 -18.65 25.97
C GLY B 150 -1.41 -17.18 26.07
N PHE B 151 -2.72 -16.90 26.30
CA PHE B 151 -3.26 -15.55 26.49
C PHE B 151 -3.35 -14.74 25.18
N CYS B 152 -3.02 -15.36 24.05
CA CYS B 152 -3.02 -14.74 22.72
C CYS B 152 -4.19 -15.25 21.92
N TYR B 153 -4.90 -14.37 21.20
CA TYR B 153 -6.04 -14.80 20.37
C TYR B 153 -5.77 -14.55 18.91
N VAL B 154 -5.35 -13.35 18.57
CA VAL B 154 -5.06 -12.97 17.19
C VAL B 154 -3.55 -12.67 17.08
N ASN B 155 -2.88 -13.27 16.10
CA ASN B 155 -1.46 -13.16 15.95
C ASN B 155 -1.14 -11.91 15.17
N ASP B 156 -1.07 -10.78 15.89
CA ASP B 156 -0.79 -9.49 15.26
C ASP B 156 0.55 -9.47 14.55
N ILE B 157 1.51 -10.26 15.07
CA ILE B 157 2.85 -10.31 14.52
C ILE B 157 2.83 -10.94 13.12
N VAL B 158 2.20 -12.09 13.01
CA VAL B 158 2.06 -12.77 11.72
C VAL B 158 1.36 -11.86 10.72
N LEU B 159 0.28 -11.20 11.14
CA LEU B 159 -0.43 -10.30 10.22
C LEU B 159 0.44 -9.12 9.77
N ALA B 160 1.23 -8.53 10.71
CA ALA B 160 2.18 -7.47 10.37
C ALA B 160 3.24 -7.96 9.41
N ILE B 161 3.74 -9.20 9.60
CA ILE B 161 4.76 -9.71 8.74
C ILE B 161 4.16 -9.95 7.33
N LEU B 162 2.95 -10.49 7.26
CA LEU B 162 2.28 -10.65 5.95
C LEU B 162 2.16 -9.32 5.24
N GLU B 163 1.87 -8.25 5.97
CA GLU B 163 1.81 -6.90 5.38
C GLU B 163 3.20 -6.51 4.86
N LEU B 164 4.26 -6.67 5.67
CA LEU B 164 5.61 -6.35 5.20
C LEU B 164 6.02 -7.18 3.95
N LEU B 165 5.60 -8.43 3.87
CA LEU B 165 5.95 -9.32 2.75
C LEU B 165 5.35 -8.84 1.44
N LYS B 166 4.40 -7.92 1.47
CA LYS B 166 3.91 -7.30 0.23
C LYS B 166 5.04 -6.53 -0.48
N TYR B 167 5.95 -5.91 0.28
CA TYR B 167 6.99 -5.02 -0.23
C TYR B 167 8.40 -5.56 -0.02
N HIS B 168 8.60 -6.52 0.93
CA HIS B 168 9.89 -7.00 1.31
C HIS B 168 10.05 -8.46 0.97
N GLN B 169 11.13 -8.82 0.22
CA GLN B 169 11.36 -10.19 -0.14
C GLN B 169 11.70 -11.02 1.07
N ARG B 170 12.47 -10.46 2.02
CA ARG B 170 12.93 -11.20 3.19
C ARG B 170 12.68 -10.34 4.44
N VAL B 171 11.98 -10.93 5.40
CA VAL B 171 11.65 -10.27 6.68
C VAL B 171 12.26 -11.08 7.80
N LEU B 172 12.92 -10.38 8.74
CA LEU B 172 13.52 -11.03 9.90
C LEU B 172 12.62 -10.74 11.12
N TYR B 173 12.28 -11.77 11.85
CA TYR B 173 11.56 -11.67 13.12
C TYR B 173 12.49 -12.04 14.24
N ILE B 174 12.56 -11.23 15.29
CA ILE B 174 13.42 -11.48 16.46
C ILE B 174 12.56 -11.39 17.71
N ASP B 175 12.69 -12.36 18.62
CA ASP B 175 11.81 -12.51 19.75
C ASP B 175 12.62 -12.63 21.04
N ILE B 176 12.57 -11.58 21.89
CA ILE B 176 13.29 -11.57 23.18
C ILE B 176 12.36 -11.71 24.40
N ASP B 177 11.09 -12.02 24.14
CA ASP B 177 10.19 -12.53 25.19
C ASP B 177 10.85 -13.78 25.81
N ILE B 178 10.62 -14.05 27.09
CA ILE B 178 11.18 -15.27 27.70
C ILE B 178 10.59 -16.55 27.09
N HIS B 179 9.39 -16.46 26.48
CA HIS B 179 8.78 -17.61 25.84
C HIS B 179 9.18 -17.72 24.38
N HIS B 180 9.14 -18.96 23.87
CA HIS B 180 9.34 -19.21 22.47
C HIS B 180 8.21 -18.60 21.63
N GLY B 181 8.58 -17.91 20.56
CA GLY B 181 7.62 -17.33 19.62
C GLY B 181 7.03 -18.37 18.66
N ASP B 182 6.32 -19.32 19.23
CA ASP B 182 5.91 -20.53 18.46
C ASP B 182 4.89 -20.25 17.35
N GLY B 183 3.91 -19.35 17.58
CA GLY B 183 2.92 -19.06 16.57
C GLY B 183 3.50 -18.40 15.35
N VAL B 184 4.50 -17.53 15.56
CA VAL B 184 5.15 -16.84 14.49
C VAL B 184 6.04 -17.85 13.72
N GLU B 185 6.81 -18.64 14.44
CA GLU B 185 7.65 -19.69 13.83
C GLU B 185 6.81 -20.64 12.99
N GLU B 186 5.69 -21.07 13.52
CA GLU B 186 4.84 -22.02 12.82
C GLU B 186 4.29 -21.45 11.51
N ALA B 187 3.83 -20.19 11.55
CA ALA B 187 3.25 -19.55 10.36
C ALA B 187 4.25 -19.53 9.21
N PHE B 188 5.54 -19.32 9.53
CA PHE B 188 6.59 -19.14 8.52
C PHE B 188 7.62 -20.29 8.46
N TYR B 189 7.28 -21.44 9.04
CA TYR B 189 8.24 -22.52 9.21
C TYR B 189 8.74 -23.10 7.86
N THR B 190 7.89 -23.04 6.83
CA THR B 190 8.26 -23.66 5.54
C THR B 190 8.58 -22.62 4.46
N THR B 191 8.84 -21.37 4.84
CA THR B 191 9.28 -20.35 3.91
C THR B 191 10.61 -19.76 4.29
N ASP B 192 11.39 -19.45 3.27
CA ASP B 192 12.62 -18.70 3.38
C ASP B 192 12.39 -17.18 3.34
N ARG B 193 11.17 -16.72 3.14
CA ARG B 193 10.88 -15.31 3.09
C ARG B 193 10.70 -14.67 4.46
N VAL B 194 10.64 -15.47 5.49
CA VAL B 194 10.71 -14.97 6.87
C VAL B 194 11.64 -15.87 7.64
N MET B 195 12.66 -15.27 8.26
CA MET B 195 13.50 -15.96 9.21
C MET B 195 13.02 -15.57 10.60
N THR B 196 12.77 -16.54 11.46
CA THR B 196 12.34 -16.30 12.83
C THR B 196 13.49 -16.66 13.75
N VAL B 197 13.80 -15.75 14.69
CA VAL B 197 14.89 -15.89 15.64
C VAL B 197 14.32 -15.69 17.01
N SER B 198 14.25 -16.77 17.84
CA SER B 198 13.76 -16.66 19.19
C SER B 198 14.80 -17.06 20.21
N PHE B 199 14.96 -16.23 21.24
CA PHE B 199 15.71 -16.51 22.47
C PHE B 199 14.69 -16.75 23.54
N HIS B 200 14.80 -17.82 24.29
CA HIS B 200 13.77 -18.16 25.25
C HIS B 200 14.23 -19.18 26.23
N LYS B 201 13.58 -19.20 27.38
CA LYS B 201 13.72 -20.32 28.33
C LYS B 201 13.17 -21.59 27.70
N TYR B 202 13.92 -22.65 27.88
CA TYR B 202 13.53 -23.90 27.33
C TYR B 202 13.82 -25.01 28.40
N GLY B 203 12.85 -25.91 28.50
CA GLY B 203 12.88 -27.05 29.44
C GLY B 203 11.72 -26.96 30.39
N GLU B 204 10.68 -27.76 30.20
CA GLU B 204 9.50 -27.77 31.13
C GLU B 204 8.95 -26.36 31.34
N TYR B 205 8.68 -25.72 30.21
CA TYR B 205 8.28 -24.33 30.22
C TYR B 205 7.45 -24.04 29.00
N PHE B 206 6.40 -23.24 29.18
CA PHE B 206 5.45 -22.96 28.10
C PHE B 206 6.17 -22.29 26.94
N PRO B 207 5.84 -22.58 25.66
CA PRO B 207 4.90 -23.57 25.15
C PRO B 207 5.44 -24.97 24.95
N GLY B 208 6.71 -25.20 25.26
CA GLY B 208 7.35 -26.52 25.12
C GLY B 208 8.11 -26.71 23.83
N THR B 209 8.10 -25.69 22.95
CA THR B 209 8.71 -25.70 21.63
C THR B 209 9.96 -24.82 21.61
N GLY B 210 10.61 -24.68 20.45
CA GLY B 210 11.80 -23.88 20.34
C GLY B 210 13.07 -24.59 20.74
N ASP B 211 13.14 -25.90 20.43
CA ASP B 211 14.40 -26.64 20.57
C ASP B 211 15.43 -26.06 19.58
N LEU B 212 16.74 -26.09 19.96
CA LEU B 212 17.91 -25.82 19.07
C LEU B 212 17.74 -26.51 17.70
N ARG B 213 17.20 -27.70 17.72
CA ARG B 213 17.12 -28.55 16.52
C ARG B 213 15.93 -28.26 15.63
N ASP B 214 15.02 -27.34 16.05
CA ASP B 214 13.89 -26.92 15.21
C ASP B 214 14.42 -25.79 14.33
N ILE B 215 14.73 -26.11 13.09
CA ILE B 215 15.43 -25.20 12.19
C ILE B 215 14.59 -24.84 10.96
N GLY B 216 13.33 -25.24 10.89
CA GLY B 216 12.50 -25.03 9.72
C GLY B 216 12.37 -26.28 8.87
N ALA B 217 11.54 -26.21 7.82
CA ALA B 217 11.33 -27.38 6.94
C ALA B 217 11.07 -26.90 5.53
N GLY B 218 11.34 -27.77 4.54
CA GLY B 218 11.11 -27.42 3.15
C GLY B 218 12.01 -26.28 2.74
N LYS B 219 11.46 -25.33 1.99
CA LYS B 219 12.20 -24.11 1.64
C LYS B 219 12.64 -23.31 2.85
N GLY B 220 11.95 -23.50 3.97
CA GLY B 220 12.26 -22.83 5.24
C GLY B 220 13.31 -23.50 6.08
N LYS B 221 13.91 -24.65 5.60
CA LYS B 221 14.96 -25.29 6.39
C LYS B 221 16.16 -24.33 6.52
N TYR B 222 16.60 -24.14 7.74
CA TYR B 222 17.62 -23.20 8.19
C TYR B 222 17.11 -21.74 8.38
N TYR B 223 15.81 -21.49 8.17
CA TYR B 223 15.26 -20.17 8.38
C TYR B 223 14.46 -20.04 9.68
N ALA B 224 14.53 -21.03 10.57
CA ALA B 224 14.04 -20.85 11.95
C ALA B 224 15.24 -21.06 12.84
N VAL B 225 15.44 -20.15 13.81
CA VAL B 225 16.59 -20.14 14.69
C VAL B 225 16.06 -20.05 16.11
N ASN B 226 16.48 -20.96 16.98
CA ASN B 226 16.05 -21.03 18.36
C ASN B 226 17.23 -21.12 19.28
N PHE B 227 17.29 -20.21 20.28
CA PHE B 227 18.35 -20.20 21.26
C PHE B 227 17.74 -20.53 22.62
N PRO B 228 17.77 -21.80 22.99
CA PRO B 228 17.25 -22.20 24.30
C PRO B 228 18.19 -21.83 25.43
N MET B 229 17.63 -21.25 26.50
CA MET B 229 18.33 -20.73 27.65
C MET B 229 17.77 -21.32 28.90
N ARG B 230 18.59 -21.30 29.93
CA ARG B 230 18.23 -21.68 31.27
C ARG B 230 17.97 -20.46 32.11
N ASP B 231 17.45 -20.71 33.31
CA ASP B 231 17.18 -19.67 34.29
C ASP B 231 18.38 -18.80 34.57
N GLY B 232 18.12 -17.53 34.83
CA GLY B 232 19.11 -16.68 35.46
C GLY B 232 20.02 -15.99 34.53
N ILE B 233 19.74 -16.02 33.20
CA ILE B 233 20.61 -15.34 32.27
C ILE B 233 20.67 -13.82 32.64
N ASP B 234 21.86 -13.23 32.54
CA ASP B 234 22.12 -11.86 32.93
C ASP B 234 22.48 -11.00 31.72
N ASP B 235 22.62 -9.70 31.92
CA ASP B 235 22.86 -8.77 30.83
C ASP B 235 24.11 -9.10 30.02
N GLU B 236 25.20 -9.39 30.71
CA GLU B 236 26.49 -9.69 30.03
C GLU B 236 26.37 -10.97 29.20
N SER B 237 25.79 -12.01 29.74
CA SER B 237 25.62 -13.28 29.05
C SER B 237 24.71 -13.15 27.83
N TYR B 238 23.58 -12.45 28.02
CA TYR B 238 22.63 -12.28 26.93
C TYR B 238 23.26 -11.46 25.82
N GLY B 239 23.96 -10.42 26.19
CA GLY B 239 24.51 -9.48 25.24
C GLY B 239 25.62 -10.12 24.41
N GLN B 240 26.35 -11.03 25.01
CA GLN B 240 27.44 -11.76 24.32
C GLN B 240 26.96 -12.81 23.38
N ILE B 241 25.70 -13.25 23.45
CA ILE B 241 25.18 -14.07 22.37
C ILE B 241 24.26 -13.30 21.42
N PHE B 242 23.45 -12.33 21.90
CA PHE B 242 22.52 -11.62 21.00
C PHE B 242 23.22 -10.92 19.85
N LYS B 243 24.22 -10.11 20.15
CA LYS B 243 24.87 -9.32 19.13
C LYS B 243 25.58 -10.20 18.08
N PRO B 244 26.41 -11.18 18.47
CA PRO B 244 26.97 -12.09 17.46
C PRO B 244 25.94 -12.87 16.64
N ILE B 245 24.89 -13.40 17.28
CA ILE B 245 23.88 -14.16 16.52
C ILE B 245 23.17 -13.23 15.54
N ILE B 246 22.68 -12.06 16.02
CA ILE B 246 21.94 -11.17 15.12
C ILE B 246 22.87 -10.64 14.01
N SER B 247 24.11 -10.33 14.34
CA SER B 247 25.08 -9.90 13.29
C SER B 247 25.24 -10.95 12.20
N LYS B 248 25.37 -12.22 12.60
CA LYS B 248 25.54 -13.30 11.61
C LYS B 248 24.29 -13.50 10.78
N VAL B 249 23.11 -13.45 11.47
CA VAL B 249 21.82 -13.50 10.77
C VAL B 249 21.72 -12.39 9.73
N MET B 250 22.08 -11.16 10.10
CA MET B 250 21.99 -10.04 9.16
C MET B 250 22.90 -10.26 7.95
N GLU B 251 24.11 -10.73 8.22
CA GLU B 251 25.11 -10.98 7.16
C GLU B 251 24.61 -12.05 6.19
N MET B 252 24.07 -13.14 6.71
CA MET B 252 23.74 -14.28 5.90
C MET B 252 22.36 -14.15 5.25
N TYR B 253 21.39 -13.64 5.99
CA TYR B 253 20.01 -13.53 5.51
C TYR B 253 19.71 -12.24 4.78
N GLN B 254 20.37 -11.13 5.12
CA GLN B 254 20.18 -9.85 4.46
C GLN B 254 18.69 -9.48 4.32
N PRO B 255 17.98 -9.40 5.47
CA PRO B 255 16.57 -9.02 5.40
C PRO B 255 16.46 -7.55 5.01
N SER B 256 15.28 -7.14 4.50
CA SER B 256 15.05 -5.73 4.23
C SER B 256 14.08 -5.06 5.23
N ALA B 257 13.50 -5.85 6.15
CA ALA B 257 12.72 -5.30 7.24
C ALA B 257 12.85 -6.25 8.42
N VAL B 258 12.61 -5.67 9.62
CA VAL B 258 12.76 -6.43 10.87
C VAL B 258 11.58 -6.16 11.76
N VAL B 259 11.12 -7.23 12.44
CA VAL B 259 10.09 -7.12 13.48
C VAL B 259 10.73 -7.65 14.75
N LEU B 260 10.69 -6.84 15.82
CA LEU B 260 11.32 -7.18 17.08
C LEU B 260 10.22 -7.22 18.15
N GLN B 261 9.98 -8.39 18.66
CA GLN B 261 9.07 -8.61 19.78
C GLN B 261 9.88 -8.41 21.07
N CYS B 262 9.47 -7.42 21.88
CA CYS B 262 10.18 -6.92 23.04
C CYS B 262 9.53 -7.36 24.33
N GLY B 263 9.01 -8.58 24.42
CA GLY B 263 8.35 -9.07 25.63
C GLY B 263 9.26 -8.87 26.83
N ALA B 264 8.69 -8.30 27.88
CA ALA B 264 9.42 -7.84 29.07
C ALA B 264 9.38 -8.88 30.19
N ASP B 265 8.86 -10.07 29.92
CA ASP B 265 8.89 -11.17 30.89
C ASP B 265 10.30 -11.84 30.99
N SER B 266 11.27 -11.39 30.20
CA SER B 266 12.68 -11.77 30.29
C SER B 266 13.47 -10.85 31.27
N LEU B 267 12.78 -9.89 31.94
CA LEU B 267 13.40 -9.06 32.94
C LEU B 267 13.49 -9.76 34.28
N SER B 268 14.58 -9.42 34.99
CA SER B 268 14.76 -9.71 36.40
C SER B 268 13.48 -9.34 37.21
N GLY B 269 13.03 -10.21 38.07
CA GLY B 269 11.93 -9.92 38.98
C GLY B 269 10.55 -10.09 38.37
N ASP B 270 10.46 -10.65 37.13
CA ASP B 270 9.17 -10.85 36.52
C ASP B 270 8.39 -11.87 37.31
N ARG B 271 7.12 -11.63 37.52
CA ARG B 271 6.31 -12.55 38.33
C ARG B 271 6.25 -13.96 37.74
N LEU B 272 6.33 -14.10 36.42
CA LEU B 272 6.27 -15.42 35.77
C LEU B 272 7.59 -15.90 35.18
N GLY B 273 8.54 -15.02 34.93
CA GLY B 273 9.78 -15.37 34.26
C GLY B 273 10.93 -15.57 35.23
N CYS B 274 11.95 -16.31 34.83
N CYS B 274 11.96 -16.23 34.81
CA CYS B 274 13.12 -16.55 35.67
CA CYS B 274 13.07 -16.58 35.66
C CYS B 274 14.42 -16.25 34.92
C CYS B 274 14.43 -16.10 35.10
N PHE B 275 14.43 -15.13 34.16
CA PHE B 275 15.64 -14.51 33.69
C PHE B 275 16.07 -13.37 34.63
N ASN B 276 17.26 -12.82 34.38
CA ASN B 276 17.83 -11.81 35.25
C ASN B 276 18.37 -10.62 34.45
N LEU B 277 17.64 -10.20 33.38
CA LEU B 277 18.02 -9.00 32.63
C LEU B 277 17.57 -7.75 33.32
N THR B 278 18.34 -6.70 33.19
CA THR B 278 17.88 -5.36 33.54
C THR B 278 17.19 -4.71 32.34
N VAL B 279 16.58 -3.55 32.55
CA VAL B 279 16.03 -2.78 31.44
C VAL B 279 17.13 -2.41 30.43
N LYS B 280 18.31 -2.05 30.91
CA LYS B 280 19.43 -1.76 30.03
C LYS B 280 19.84 -2.96 29.20
N GLY B 281 19.87 -4.12 29.82
CA GLY B 281 20.27 -5.34 29.11
C GLY B 281 19.25 -5.73 28.04
N HIS B 282 17.96 -5.57 28.38
CA HIS B 282 16.88 -5.88 27.43
C HIS B 282 16.97 -4.85 26.26
N ALA B 283 17.10 -3.58 26.59
CA ALA B 283 17.07 -2.48 25.59
C ALA B 283 18.31 -2.51 24.70
N LYS B 284 19.41 -3.12 25.15
CA LYS B 284 20.59 -3.32 24.30
C LYS B 284 20.22 -4.07 23.02
N CYS B 285 19.21 -5.01 23.08
CA CYS B 285 18.73 -5.69 21.93
C CYS B 285 18.17 -4.72 20.89
N VAL B 286 17.38 -3.73 21.34
CA VAL B 286 16.83 -2.71 20.48
C VAL B 286 17.97 -1.91 19.83
N GLU B 287 18.95 -1.47 20.63
CA GLU B 287 20.10 -0.72 20.12
C GLU B 287 20.85 -1.51 19.04
N VAL B 288 21.14 -2.78 19.31
CA VAL B 288 21.78 -3.67 18.33
C VAL B 288 20.99 -3.74 17.04
N VAL B 289 19.68 -4.01 17.10
CA VAL B 289 18.88 -4.15 15.87
C VAL B 289 18.89 -2.81 15.09
N LYS B 290 18.83 -1.69 15.79
CA LYS B 290 18.82 -0.38 15.13
C LYS B 290 20.08 -0.11 14.30
N THR B 291 21.23 -0.63 14.74
CA THR B 291 22.50 -0.38 14.03
C THR B 291 22.50 -0.85 12.60
N PHE B 292 21.60 -1.81 12.24
CA PHE B 292 21.51 -2.30 10.88
C PHE B 292 20.73 -1.38 9.94
N ASN B 293 20.09 -0.34 10.46
CA ASN B 293 19.43 0.70 9.65
C ASN B 293 18.38 0.11 8.71
N LEU B 294 17.58 -0.85 9.21
CA LEU B 294 16.52 -1.43 8.47
C LEU B 294 15.19 -0.99 9.02
N PRO B 295 14.15 -0.85 8.18
CA PRO B 295 12.79 -0.58 8.69
C PRO B 295 12.45 -1.57 9.81
N LEU B 296 11.96 -1.04 10.94
CA LEU B 296 11.86 -1.81 12.18
C LEU B 296 10.50 -1.57 12.87
N LEU B 297 9.76 -2.70 13.09
CA LEU B 297 8.52 -2.72 13.82
C LEU B 297 8.84 -3.31 15.20
N MET B 298 8.71 -2.47 16.23
CA MET B 298 8.91 -2.90 17.60
C MET B 298 7.56 -3.17 18.24
N LEU B 299 7.40 -4.38 18.77
CA LEU B 299 6.17 -4.82 19.39
C LEU B 299 6.37 -5.16 20.86
N GLY B 300 5.26 -5.14 21.62
CA GLY B 300 5.27 -5.57 23.00
C GLY B 300 5.31 -7.10 23.11
N GLY B 301 4.75 -7.60 24.20
CA GLY B 301 4.82 -9.01 24.53
C GLY B 301 4.48 -9.20 25.99
N GLY B 302 5.08 -10.21 26.59
CA GLY B 302 4.78 -10.50 27.97
C GLY B 302 5.40 -9.54 28.92
N GLY B 303 5.21 -9.83 30.19
CA GLY B 303 5.69 -9.01 31.29
C GLY B 303 4.62 -8.80 32.33
N TYR B 304 4.93 -9.21 33.55
CA TYR B 304 3.94 -9.48 34.62
C TYR B 304 4.24 -8.70 35.89
N THR B 305 5.41 -8.12 36.04
CA THR B 305 5.70 -7.15 37.09
C THR B 305 5.52 -5.79 36.45
N ILE B 306 4.34 -5.23 36.62
CA ILE B 306 3.89 -4.22 35.62
C ILE B 306 4.71 -2.94 35.73
N ARG B 307 5.19 -2.56 36.93
CA ARG B 307 6.09 -1.40 37.05
C ARG B 307 7.34 -1.56 36.14
N ASN B 308 7.89 -2.80 36.04
CA ASN B 308 9.08 -3.05 35.22
C ASN B 308 8.76 -3.09 33.75
N VAL B 309 7.56 -3.54 33.37
CA VAL B 309 7.11 -3.45 31.98
C VAL B 309 7.07 -1.99 31.53
N ALA B 310 6.46 -1.11 32.35
CA ALA B 310 6.38 0.31 32.01
C ALA B 310 7.78 0.93 31.88
N ARG B 311 8.66 0.61 32.79
CA ARG B 311 10.06 1.07 32.71
C ARG B 311 10.71 0.59 31.39
N CYS B 312 10.58 -0.68 31.10
CA CYS B 312 11.26 -1.30 29.97
C CYS B 312 10.83 -0.66 28.66
N TRP B 313 9.51 -0.57 28.44
CA TRP B 313 9.01 -0.06 27.16
C TRP B 313 9.15 1.45 27.06
N THR B 314 9.14 2.17 28.19
CA THR B 314 9.45 3.59 28.16
C THR B 314 10.89 3.79 27.70
N TYR B 315 11.84 3.03 28.34
CA TYR B 315 13.27 3.17 27.96
C TYR B 315 13.48 2.76 26.51
N GLU B 316 12.80 1.70 26.05
CA GLU B 316 12.98 1.23 24.66
C GLU B 316 12.40 2.20 23.65
N THR B 317 11.34 2.96 24.05
CA THR B 317 10.82 4.05 23.18
C THR B 317 11.90 5.14 23.10
N ALA B 318 12.53 5.49 24.23
CA ALA B 318 13.61 6.48 24.24
C ALA B 318 14.78 6.01 23.35
N VAL B 319 15.14 4.73 23.42
CA VAL B 319 16.18 4.16 22.58
C VAL B 319 15.80 4.30 21.10
N ALA B 320 14.54 3.97 20.71
CA ALA B 320 14.05 4.12 19.34
C ALA B 320 14.24 5.61 18.89
N LEU B 321 14.03 6.53 19.81
CA LEU B 321 14.16 7.98 19.57
C LEU B 321 15.60 8.54 19.66
N ASP B 322 16.55 7.68 20.01
N ASP B 322 16.58 7.71 19.98
CA ASP B 322 17.95 7.94 20.24
CA ASP B 322 17.95 8.14 20.18
C ASP B 322 18.19 9.03 21.27
C ASP B 322 18.05 9.23 21.20
N CYS B 323 17.39 9.04 22.35
CA CYS B 323 17.61 9.98 23.41
C CYS B 323 17.69 9.32 24.73
N GLU B 324 18.41 9.95 25.63
CA GLU B 324 18.57 9.43 26.94
C GLU B 324 17.46 10.20 27.71
N ILE B 325 17.03 9.53 28.70
CA ILE B 325 16.09 10.05 29.67
C ILE B 325 16.67 9.80 31.05
N PRO B 326 16.32 10.69 31.99
CA PRO B 326 16.88 10.52 33.34
C PRO B 326 16.39 9.30 34.10
N ASN B 327 17.25 8.78 34.97
CA ASN B 327 16.91 7.70 35.82
C ASN B 327 15.83 8.11 36.85
N GLU B 328 15.83 9.37 37.30
CA GLU B 328 14.79 9.88 38.20
C GLU B 328 13.45 9.88 37.47
N LEU B 329 12.47 9.07 37.93
CA LEU B 329 11.19 9.05 37.23
C LEU B 329 10.45 10.38 37.37
N PRO B 330 9.83 10.89 36.29
CA PRO B 330 8.97 12.07 36.43
C PRO B 330 7.74 11.66 37.21
N TYR B 331 7.08 12.64 37.83
CA TYR B 331 5.74 12.39 38.38
C TYR B 331 4.81 11.88 37.29
N ASN B 332 3.89 11.00 37.63
CA ASN B 332 2.96 10.45 36.69
C ASN B 332 1.77 9.84 37.44
N ASP B 333 0.73 9.43 36.67
CA ASP B 333 -0.54 8.95 37.25
C ASP B 333 -0.40 7.67 38.03
N TYR B 334 0.75 6.95 37.88
CA TYR B 334 0.99 5.72 38.57
C TYR B 334 2.25 5.77 39.42
N PHE B 335 2.64 6.98 39.90
CA PHE B 335 3.97 7.15 40.52
C PHE B 335 4.23 6.18 41.66
N GLU B 336 3.22 5.92 42.47
CA GLU B 336 3.37 5.07 43.63
C GLU B 336 3.70 3.60 43.28
N TYR B 337 3.38 3.18 42.04
CA TYR B 337 3.74 1.82 41.61
C TYR B 337 5.24 1.61 41.48
N PHE B 338 6.04 2.71 41.42
CA PHE B 338 7.43 2.66 41.14
C PHE B 338 8.29 2.77 42.41
N GLY B 339 7.68 2.71 43.59
CA GLY B 339 8.44 2.60 44.82
C GLY B 339 9.19 1.28 44.90
N PRO B 340 10.12 1.18 45.81
CA PRO B 340 10.53 2.21 46.78
C PRO B 340 11.51 3.26 46.29
N ASP B 341 12.05 3.04 45.10
CA ASP B 341 13.16 3.84 44.57
C ASP B 341 12.73 4.93 43.60
N PHE B 342 11.62 4.77 42.84
CA PHE B 342 11.15 5.78 41.88
C PHE B 342 12.23 6.06 40.82
N LYS B 343 12.98 5.04 40.43
CA LYS B 343 13.97 5.11 39.33
C LYS B 343 13.48 4.35 38.12
N LEU B 344 14.01 4.69 36.97
CA LEU B 344 13.69 4.01 35.73
C LEU B 344 14.34 2.66 35.64
N HIS B 345 15.62 2.58 36.01
CA HIS B 345 16.42 1.39 35.82
C HIS B 345 16.30 0.43 37.02
N ILE B 346 16.51 -0.85 36.77
CA ILE B 346 16.35 -1.88 37.79
C ILE B 346 17.68 -2.59 37.96
N SER B 347 17.86 -3.18 39.12
CA SER B 347 19.01 -4.01 39.40
C SER B 347 18.72 -5.45 39.18
N PRO B 348 19.75 -6.23 38.82
CA PRO B 348 19.56 -7.66 38.76
C PRO B 348 19.45 -8.23 40.17
N SER B 349 18.87 -9.43 40.27
CA SER B 349 18.83 -10.16 41.52
C SER B 349 20.12 -10.97 41.69
N ASN B 350 20.22 -11.64 42.88
CA ASN B 350 21.31 -12.54 43.17
C ASN B 350 21.09 -13.97 42.66
N MET B 351 20.09 -14.21 41.82
CA MET B 351 19.84 -15.56 41.30
C MET B 351 21.03 -16.09 40.51
N THR B 352 21.25 -17.40 40.61
CA THR B 352 22.31 -18.04 39.86
C THR B 352 22.01 -18.03 38.38
N ASN B 353 23.01 -17.69 37.56
CA ASN B 353 22.94 -17.85 36.14
C ASN B 353 23.26 -19.33 35.78
N GLN B 354 22.23 -20.11 35.42
CA GLN B 354 22.43 -21.52 35.01
C GLN B 354 23.02 -21.69 33.63
N ASN B 355 23.15 -20.60 32.82
CA ASN B 355 23.78 -20.55 31.51
C ASN B 355 25.26 -20.35 31.67
N THR B 356 26.00 -21.47 31.70
CA THR B 356 27.45 -21.37 31.85
C THR B 356 28.04 -20.76 30.60
N PRO B 357 29.22 -20.13 30.71
CA PRO B 357 29.88 -19.63 29.49
C PRO B 357 30.04 -20.64 28.39
N GLU B 358 30.40 -21.90 28.75
CA GLU B 358 30.56 -22.93 27.78
C GLU B 358 29.27 -23.34 27.12
N TYR B 359 28.16 -23.43 27.89
CA TYR B 359 26.86 -23.72 27.31
C TYR B 359 26.51 -22.66 26.26
N MET B 360 26.68 -21.39 26.63
CA MET B 360 26.33 -20.27 25.71
CA MET B 360 26.32 -20.28 25.72
C MET B 360 27.12 -20.32 24.45
N GLU B 361 28.44 -20.55 24.55
CA GLU B 361 29.28 -20.63 23.37
C GLU B 361 29.01 -21.85 22.52
N LYS B 362 28.68 -23.00 23.16
CA LYS B 362 28.42 -24.20 22.41
C LYS B 362 27.16 -24.07 21.60
N ILE B 363 26.12 -23.53 22.21
CA ILE B 363 24.84 -23.30 21.48
C ILE B 363 25.09 -22.30 20.33
N LYS B 364 25.78 -21.19 20.60
CA LYS B 364 26.10 -20.20 19.57
C LYS B 364 26.85 -20.83 18.39
N GLN B 365 27.80 -21.71 18.70
CA GLN B 365 28.55 -22.37 17.66
C GLN B 365 27.66 -23.28 16.81
N ARG B 366 26.71 -24.04 17.42
CA ARG B 366 25.74 -24.84 16.67
C ARG B 366 24.89 -23.96 15.79
N LEU B 367 24.38 -22.80 16.30
CA LEU B 367 23.57 -21.91 15.46
C LEU B 367 24.38 -21.30 14.34
N PHE B 368 25.66 -20.97 14.62
CA PHE B 368 26.51 -20.45 13.55
C PHE B 368 26.71 -21.50 12.43
N GLU B 369 26.81 -22.78 12.77
CA GLU B 369 26.92 -23.85 11.74
C GLU B 369 25.67 -23.88 10.90
N ASN B 370 24.48 -23.70 11.52
CA ASN B 370 23.23 -23.65 10.78
C ASN B 370 23.16 -22.46 9.87
N LEU B 371 23.60 -21.31 10.34
CA LEU B 371 23.56 -20.10 9.55
C LEU B 371 24.51 -20.17 8.33
N ARG B 372 25.61 -20.89 8.45
CA ARG B 372 26.48 -21.11 7.29
C ARG B 372 25.84 -21.92 6.16
N MET B 373 24.73 -22.64 6.41
CA MET B 373 23.96 -23.38 5.40
C MET B 373 23.11 -22.52 4.50
N LEU B 374 22.96 -21.22 4.79
CA LEU B 374 22.20 -20.30 3.94
C LEU B 374 23.02 -19.99 2.67
N PRO B 375 22.35 -19.67 1.56
CA PRO B 375 23.09 -19.48 0.29
C PRO B 375 23.91 -18.21 0.29
N LYS C 10 23.00 -32.50 -28.63
CA LYS C 10 22.03 -32.03 -29.63
C LYS C 10 22.72 -31.23 -30.73
N LYS C 11 22.12 -31.23 -31.92
CA LYS C 11 22.76 -30.56 -33.08
C LYS C 11 22.32 -29.08 -33.13
N VAL C 12 23.26 -28.16 -33.40
CA VAL C 12 23.02 -26.73 -33.43
C VAL C 12 23.53 -26.21 -34.78
N CYS C 13 22.68 -25.52 -35.55
CA CYS C 13 23.08 -24.81 -36.78
C CYS C 13 22.97 -23.32 -36.45
N TYR C 14 23.88 -22.55 -36.99
CA TYR C 14 24.09 -21.18 -36.60
C TYR C 14 24.20 -20.38 -37.88
N TYR C 15 23.42 -19.29 -37.99
CA TYR C 15 23.33 -18.50 -39.21
C TYR C 15 24.02 -17.16 -39.02
N TYR C 16 24.91 -16.82 -39.97
CA TYR C 16 25.63 -15.55 -39.87
C TYR C 16 26.08 -15.12 -41.25
N ASP C 17 25.84 -13.86 -41.59
CA ASP C 17 26.43 -13.26 -42.78
C ASP C 17 27.45 -12.21 -42.35
N GLY C 18 28.67 -12.34 -42.80
CA GLY C 18 29.75 -11.40 -42.46
C GLY C 18 29.54 -9.95 -42.81
N ASP C 19 28.56 -9.64 -43.68
CA ASP C 19 28.24 -8.25 -43.99
C ASP C 19 27.26 -7.62 -43.00
N ILE C 20 26.60 -8.44 -42.15
CA ILE C 20 25.55 -7.91 -41.26
C ILE C 20 26.09 -6.75 -40.39
N GLY C 21 27.34 -6.84 -39.97
CA GLY C 21 27.97 -5.82 -39.12
C GLY C 21 28.23 -4.47 -39.76
N ASN C 22 28.07 -4.38 -41.09
CA ASN C 22 28.35 -3.18 -41.85
C ASN C 22 27.13 -2.29 -42.11
N TYR C 23 25.90 -2.77 -41.82
CA TYR C 23 24.71 -1.92 -41.97
C TYR C 23 24.70 -0.97 -40.78
N TYR C 24 24.42 0.29 -41.05
CA TYR C 24 24.58 1.35 -40.08
C TYR C 24 23.34 2.19 -40.02
N TYR C 25 22.67 2.23 -38.86
CA TYR C 25 21.40 2.96 -38.72
C TYR C 25 21.57 4.50 -38.77
N GLY C 26 22.79 4.99 -38.58
CA GLY C 26 23.06 6.42 -38.65
C GLY C 26 23.65 6.92 -37.36
N GLN C 27 24.27 8.11 -37.42
CA GLN C 27 24.92 8.71 -36.27
C GLN C 27 23.93 8.89 -35.11
N GLY C 28 24.32 8.43 -33.93
CA GLY C 28 23.50 8.58 -32.74
C GLY C 28 22.41 7.52 -32.57
N HIS C 29 22.18 6.65 -33.59
CA HIS C 29 21.13 5.65 -33.44
C HIS C 29 21.69 4.51 -32.56
N PRO C 30 20.98 4.14 -31.49
CA PRO C 30 21.52 3.11 -30.59
C PRO C 30 21.58 1.69 -31.12
N MET C 31 20.85 1.38 -32.22
CA MET C 31 20.88 0.02 -32.75
C MET C 31 22.14 -0.15 -33.60
N LYS C 32 23.02 -1.09 -33.20
CA LYS C 32 24.35 -1.26 -33.81
C LYS C 32 24.49 -2.68 -34.34
N PRO C 33 24.16 -2.96 -35.62
CA PRO C 33 24.34 -4.32 -36.15
C PRO C 33 25.73 -4.94 -35.90
N HIS C 34 26.79 -4.11 -35.79
CA HIS C 34 28.14 -4.55 -35.42
C HIS C 34 28.23 -5.41 -34.13
N ARG C 35 27.32 -5.26 -33.15
CA ARG C 35 27.32 -6.15 -31.98
C ARG C 35 27.18 -7.64 -32.40
N ILE C 36 26.61 -7.92 -33.61
CA ILE C 36 26.48 -9.33 -34.04
C ILE C 36 27.86 -9.88 -34.48
N ARG C 37 28.67 -9.04 -35.11
CA ARG C 37 30.04 -9.42 -35.50
C ARG C 37 30.92 -9.63 -34.28
N MET C 38 30.77 -8.78 -33.26
CA MET C 38 31.48 -8.98 -32.00
C MET C 38 31.11 -10.27 -31.34
N THR C 39 29.80 -10.62 -31.33
CA THR C 39 29.33 -11.91 -30.83
C THR C 39 29.99 -13.06 -31.57
N HIS C 40 29.93 -13.01 -32.93
CA HIS C 40 30.45 -14.04 -33.80
C HIS C 40 31.97 -14.24 -33.50
N ASN C 41 32.71 -13.14 -33.46
CA ASN C 41 34.17 -13.22 -33.25
C ASN C 41 34.52 -13.80 -31.87
N LEU C 42 33.75 -13.40 -30.85
CA LEU C 42 33.97 -13.92 -29.55
C LEU C 42 33.67 -15.41 -29.47
N LEU C 43 32.52 -15.88 -30.00
CA LEU C 43 32.23 -17.31 -29.96
C LEU C 43 33.21 -18.10 -30.89
N LEU C 44 33.77 -17.49 -31.97
CA LEU C 44 34.81 -18.19 -32.75
C LEU C 44 36.07 -18.39 -31.89
N ASN C 45 36.43 -17.36 -31.11
CA ASN C 45 37.62 -17.46 -30.28
C ASN C 45 37.48 -18.37 -29.07
N TYR C 46 36.26 -18.64 -28.63
CA TYR C 46 36.02 -19.69 -27.65
C TYR C 46 36.07 -21.11 -28.28
N GLY C 47 36.14 -21.20 -29.60
CA GLY C 47 36.17 -22.45 -30.33
C GLY C 47 34.83 -23.09 -30.56
N LEU C 48 33.71 -22.34 -30.38
CA LEU C 48 32.38 -22.95 -30.48
C LEU C 48 32.01 -23.36 -31.92
N TYR C 49 32.71 -22.82 -32.93
CA TYR C 49 32.49 -23.26 -34.31
C TYR C 49 32.83 -24.76 -34.50
N ARG C 50 33.64 -25.36 -33.60
CA ARG C 50 33.98 -26.77 -33.69
C ARG C 50 32.80 -27.70 -33.40
N LYS C 51 31.76 -27.18 -32.74
CA LYS C 51 30.66 -27.95 -32.20
C LYS C 51 29.36 -27.73 -32.94
N MET C 52 29.32 -26.84 -33.93
CA MET C 52 28.07 -26.47 -34.59
C MET C 52 28.32 -26.21 -36.09
N GLU C 53 27.27 -26.35 -36.87
CA GLU C 53 27.35 -26.07 -38.30
C GLU C 53 27.03 -24.60 -38.51
N ILE C 54 27.89 -23.88 -39.23
CA ILE C 54 27.69 -22.46 -39.48
C ILE C 54 27.32 -22.29 -40.95
N TYR C 55 26.18 -21.62 -41.19
CA TYR C 55 25.66 -21.32 -42.50
C TYR C 55 25.54 -19.86 -42.74
N ARG C 56 25.78 -19.45 -44.00
CA ARG C 56 25.53 -18.09 -44.40
C ARG C 56 24.12 -18.13 -44.97
N PRO C 57 23.17 -17.37 -44.44
CA PRO C 57 21.79 -17.48 -44.95
C PRO C 57 21.62 -16.70 -46.24
N HIS C 58 20.62 -17.05 -46.97
CA HIS C 58 20.24 -16.37 -48.21
C HIS C 58 19.61 -14.98 -47.89
N LYS C 59 19.50 -14.15 -48.90
CA LYS C 59 18.74 -12.92 -48.83
C LYS C 59 17.30 -13.33 -49.03
N ALA C 60 16.43 -13.32 -47.96
CA ALA C 60 14.97 -13.58 -48.15
C ALA C 60 14.46 -12.64 -49.25
N THR C 61 13.61 -13.11 -50.12
CA THR C 61 13.10 -12.33 -51.23
C THR C 61 11.95 -11.42 -50.78
N ALA C 62 11.64 -10.40 -51.60
CA ALA C 62 10.41 -9.59 -51.41
C ALA C 62 9.22 -10.45 -51.37
N GLU C 63 9.21 -11.44 -52.30
CA GLU C 63 8.04 -12.27 -52.41
C GLU C 63 7.84 -12.97 -51.06
N GLU C 64 8.89 -13.59 -50.52
CA GLU C 64 8.80 -14.28 -49.20
C GLU C 64 8.26 -13.30 -48.12
N MET C 65 8.79 -12.06 -48.11
CA MET C 65 8.33 -11.07 -47.10
C MET C 65 6.85 -10.78 -47.21
N THR C 66 6.33 -10.83 -48.45
CA THR C 66 4.89 -10.60 -48.64
C THR C 66 4.00 -11.77 -48.27
N LYS C 67 4.58 -12.86 -47.75
CA LYS C 67 3.76 -13.85 -47.05
C LYS C 67 3.05 -13.26 -45.83
N TYR C 68 3.59 -12.18 -45.27
CA TYR C 68 3.01 -11.53 -44.12
C TYR C 68 2.80 -10.03 -44.45
N HIS C 69 3.84 -9.37 -44.88
CA HIS C 69 3.81 -7.95 -45.08
C HIS C 69 3.09 -7.56 -46.34
N SER C 70 2.51 -6.37 -46.36
CA SER C 70 1.79 -5.92 -47.57
C SER C 70 2.77 -5.62 -48.70
N ASP C 71 2.30 -5.80 -49.94
CA ASP C 71 3.11 -5.52 -51.11
C ASP C 71 3.57 -4.07 -51.17
N GLU C 72 2.69 -3.11 -50.83
CA GLU C 72 3.07 -1.71 -50.93
C GLU C 72 4.13 -1.38 -49.89
N TYR C 73 4.04 -1.96 -48.69
CA TYR C 73 5.06 -1.75 -47.68
C TYR C 73 6.42 -2.30 -48.12
N ILE C 74 6.46 -3.54 -48.63
CA ILE C 74 7.73 -4.14 -49.07
C ILE C 74 8.29 -3.39 -50.27
N LYS C 75 7.44 -2.99 -51.19
CA LYS C 75 7.91 -2.21 -52.37
C LYS C 75 8.55 -0.91 -51.90
N PHE C 76 7.90 -0.25 -50.89
CA PHE C 76 8.44 0.95 -50.30
C PHE C 76 9.83 0.68 -49.69
N LEU C 77 9.96 -0.37 -48.88
CA LEU C 77 11.25 -0.69 -48.26
C LEU C 77 12.34 -0.97 -49.28
N ARG C 78 11.97 -1.59 -50.40
CA ARG C 78 12.92 -1.93 -51.47
C ARG C 78 13.34 -0.68 -52.28
N SER C 79 12.55 0.41 -52.25
CA SER C 79 12.71 1.62 -53.11
C SER C 79 13.27 2.83 -52.37
N ILE C 80 12.99 2.94 -51.06
CA ILE C 80 13.37 4.10 -50.30
C ILE C 80 14.89 4.13 -50.09
N ARG C 81 15.45 5.33 -50.30
CA ARG C 81 16.90 5.58 -50.27
C ARG C 81 17.14 6.93 -49.55
N PRO C 82 18.28 7.12 -48.86
CA PRO C 82 18.57 8.46 -48.30
C PRO C 82 18.43 9.60 -49.33
N ASP C 83 18.78 9.34 -50.60
CA ASP C 83 18.75 10.36 -51.67
C ASP C 83 17.38 10.64 -52.30
N ASN C 84 16.35 9.79 -52.07
CA ASN C 84 15.00 10.04 -52.63
C ASN C 84 13.91 10.26 -51.59
N MET C 85 14.28 10.38 -50.31
CA MET C 85 13.32 10.56 -49.22
C MET C 85 12.33 11.69 -49.40
N SER C 86 12.74 12.79 -50.04
CA SER C 86 11.86 13.93 -50.31
C SER C 86 10.67 13.53 -51.21
N GLU C 87 10.90 12.62 -52.14
CA GLU C 87 9.84 12.14 -53.04
C GLU C 87 8.83 11.20 -52.33
N TYR C 88 9.16 10.70 -51.13
CA TYR C 88 8.38 9.64 -50.50
C TYR C 88 7.81 10.09 -49.14
N SER C 89 7.63 11.41 -48.92
CA SER C 89 7.23 11.89 -47.58
C SER C 89 5.87 11.27 -47.12
N LYS C 90 4.86 11.09 -48.02
CA LYS C 90 3.55 10.48 -47.67
C LYS C 90 3.64 8.98 -47.35
N GLN C 91 4.40 8.22 -48.18
CA GLN C 91 4.65 6.82 -47.86
C GLN C 91 5.47 6.70 -46.56
N MET C 92 6.47 7.60 -46.24
CA MET C 92 7.21 7.51 -45.00
C MET C 92 6.26 7.65 -43.81
N GLN C 93 5.30 8.58 -43.89
CA GLN C 93 4.27 8.72 -42.83
C GLN C 93 3.36 7.48 -42.75
N ARG C 94 2.94 6.99 -43.89
CA ARG C 94 2.04 5.84 -43.95
C ARG C 94 2.73 4.61 -43.29
N PHE C 95 4.01 4.42 -43.58
CA PHE C 95 4.75 3.22 -43.18
C PHE C 95 5.62 3.40 -41.93
N ASN C 96 5.55 4.58 -41.29
CA ASN C 96 6.28 4.90 -40.06
C ASN C 96 7.81 4.78 -40.24
N VAL C 97 8.33 5.27 -41.36
CA VAL C 97 9.75 5.17 -41.65
C VAL C 97 10.34 6.57 -41.72
N GLY C 98 11.44 6.81 -40.98
CA GLY C 98 12.14 8.09 -41.00
C GLY C 98 12.64 8.65 -39.68
N GLU C 99 12.19 8.13 -38.55
CA GLU C 99 12.62 8.64 -37.23
C GLU C 99 13.31 7.50 -36.42
N ASP C 100 12.59 6.76 -35.53
CA ASP C 100 13.13 5.57 -34.87
C ASP C 100 13.54 4.53 -35.88
N CYS C 101 12.82 4.51 -37.06
CA CYS C 101 13.04 3.57 -38.11
C CYS C 101 13.63 4.34 -39.27
N PRO C 102 14.94 4.69 -39.21
CA PRO C 102 15.48 5.54 -40.26
C PRO C 102 15.63 4.85 -41.59
N VAL C 103 15.75 5.69 -42.61
CA VAL C 103 16.22 5.26 -43.91
C VAL C 103 17.76 5.25 -43.86
N PHE C 104 18.37 4.12 -44.20
CA PHE C 104 19.82 4.03 -44.29
C PHE C 104 20.21 3.23 -45.50
N ASP C 105 21.45 3.42 -45.96
CA ASP C 105 21.96 2.69 -47.12
C ASP C 105 21.96 1.16 -46.82
N GLY C 106 21.40 0.38 -47.72
CA GLY C 106 21.37 -1.08 -47.56
C GLY C 106 20.27 -1.58 -46.62
N LEU C 107 19.31 -0.68 -46.25
CA LEU C 107 18.17 -1.03 -45.38
C LEU C 107 17.49 -2.35 -45.85
N PHE C 108 17.19 -2.44 -47.13
CA PHE C 108 16.45 -3.60 -47.62
C PHE C 108 17.32 -4.86 -47.52
N GLU C 109 18.63 -4.77 -47.85
CA GLU C 109 19.51 -5.95 -47.72
C GLU C 109 19.63 -6.42 -46.27
N PHE C 110 19.68 -5.47 -45.34
CA PHE C 110 19.69 -5.78 -43.89
C PHE C 110 18.44 -6.59 -43.55
N CYS C 111 17.28 -6.12 -44.03
CA CYS C 111 16.02 -6.87 -43.84
C CYS C 111 16.12 -8.29 -44.43
N GLN C 112 16.69 -8.38 -45.64
CA GLN C 112 16.80 -9.66 -46.31
C GLN C 112 17.67 -10.67 -45.56
N LEU C 113 18.77 -10.20 -44.98
CA LEU C 113 19.72 -11.08 -44.28
C LEU C 113 19.25 -11.47 -42.92
N SER C 114 18.68 -10.50 -42.18
CA SER C 114 18.06 -10.74 -40.87
C SER C 114 16.98 -11.79 -41.02
N THR C 115 16.07 -11.58 -42.03
CA THR C 115 14.98 -12.50 -42.26
C THR C 115 15.43 -13.86 -42.79
N GLY C 116 16.38 -13.85 -43.72
CA GLY C 116 16.91 -15.08 -44.31
C GLY C 116 17.42 -16.05 -43.26
N GLY C 117 18.13 -15.55 -42.25
CA GLY C 117 18.64 -16.42 -41.19
C GLY C 117 17.53 -17.11 -40.41
N SER C 118 16.45 -16.36 -40.12
CA SER C 118 15.35 -16.91 -39.33
C SER C 118 14.58 -17.94 -40.11
N VAL C 119 14.26 -17.62 -41.36
CA VAL C 119 13.49 -18.53 -42.20
C VAL C 119 14.33 -19.77 -42.52
N ALA C 120 15.63 -19.59 -42.85
CA ALA C 120 16.51 -20.74 -43.13
C ALA C 120 16.59 -21.66 -41.89
N GLY C 121 16.66 -21.07 -40.70
CA GLY C 121 16.70 -21.86 -39.47
C GLY C 121 15.42 -22.67 -39.28
N ALA C 122 14.28 -22.03 -39.58
CA ALA C 122 13.00 -22.71 -39.48
C ALA C 122 12.93 -23.86 -40.50
N VAL C 123 13.43 -23.65 -41.72
CA VAL C 123 13.47 -24.73 -42.73
C VAL C 123 14.29 -25.90 -42.20
N LYS C 124 15.45 -25.59 -41.61
CA LYS C 124 16.35 -26.64 -41.14
C LYS C 124 15.67 -27.46 -40.02
N LEU C 125 14.91 -26.79 -39.16
CA LEU C 125 14.15 -27.47 -38.11
C LEU C 125 13.03 -28.30 -38.70
N ASN C 126 12.32 -27.76 -39.66
CA ASN C 126 11.24 -28.48 -40.33
C ASN C 126 11.75 -29.77 -41.00
N ARG C 127 12.91 -29.71 -41.63
CA ARG C 127 13.52 -30.88 -42.29
C ARG C 127 14.15 -31.86 -41.32
N GLN C 128 14.10 -31.60 -39.98
CA GLN C 128 14.69 -32.44 -38.96
C GLN C 128 16.19 -32.63 -39.17
N GLN C 129 16.84 -31.60 -39.74
CA GLN C 129 18.29 -31.65 -39.92
C GLN C 129 19.06 -30.99 -38.78
N THR C 130 18.36 -30.38 -37.81
CA THR C 130 18.94 -29.84 -36.60
C THR C 130 17.92 -29.87 -35.47
N ASP C 131 18.43 -29.81 -34.22
CA ASP C 131 17.62 -29.67 -33.01
C ASP C 131 17.43 -28.21 -32.61
N MET C 132 18.46 -27.40 -32.83
CA MET C 132 18.43 -25.96 -32.58
C MET C 132 18.98 -25.23 -33.76
N ALA C 133 18.37 -24.08 -34.09
CA ALA C 133 18.92 -23.13 -35.05
C ALA C 133 19.05 -21.76 -34.39
N VAL C 134 20.10 -21.05 -34.69
CA VAL C 134 20.44 -19.77 -34.04
C VAL C 134 20.63 -18.70 -35.09
N ASN C 135 19.93 -17.56 -34.91
CA ASN C 135 20.11 -16.38 -35.76
C ASN C 135 20.15 -15.15 -34.92
N TRP C 136 21.36 -14.75 -34.50
CA TRP C 136 21.49 -13.58 -33.64
C TRP C 136 21.13 -12.26 -34.37
N ALA C 137 21.11 -12.26 -35.72
CA ALA C 137 20.68 -11.09 -36.50
C ALA C 137 19.16 -10.94 -36.59
N GLY C 138 18.41 -11.88 -36.05
CA GLY C 138 16.95 -11.86 -36.09
C GLY C 138 16.34 -11.34 -34.80
N GLY C 139 15.05 -11.53 -34.68
CA GLY C 139 14.32 -11.14 -33.49
C GLY C 139 13.67 -9.76 -33.57
N LEU C 140 13.29 -9.32 -34.77
CA LEU C 140 12.81 -7.95 -34.97
C LEU C 140 11.30 -7.86 -34.73
N HIS C 141 10.96 -7.98 -33.43
CA HIS C 141 9.60 -8.30 -32.99
C HIS C 141 8.56 -7.22 -33.17
N HIS C 142 8.97 -5.95 -33.41
CA HIS C 142 7.99 -4.87 -33.51
C HIS C 142 7.43 -4.63 -34.92
N ALA C 143 8.06 -5.17 -35.97
CA ALA C 143 7.59 -4.85 -37.32
C ALA C 143 6.17 -5.39 -37.53
N LYS C 144 5.34 -4.56 -38.18
CA LYS C 144 3.94 -4.86 -38.42
C LYS C 144 3.67 -5.14 -39.91
N LYS C 145 2.45 -5.53 -40.27
CA LYS C 145 2.17 -5.94 -41.64
C LYS C 145 2.53 -4.87 -42.64
N SER C 146 2.18 -3.61 -42.31
CA SER C 146 2.39 -2.51 -43.26
CA SER C 146 2.39 -2.52 -43.25
C SER C 146 2.99 -1.34 -42.54
N GLU C 147 3.80 -1.56 -41.50
CA GLU C 147 4.50 -0.46 -40.86
C GLU C 147 5.74 -0.91 -40.15
N ALA C 148 6.77 -0.09 -40.23
CA ALA C 148 7.97 -0.22 -39.43
C ALA C 148 7.65 0.24 -38.02
N SER C 149 8.41 -0.27 -37.05
CA SER C 149 8.21 0.16 -35.69
C SER C 149 9.42 -0.19 -34.85
N GLY C 150 9.86 0.73 -34.00
CA GLY C 150 10.88 0.39 -32.98
C GLY C 150 12.14 -0.20 -33.58
N PHE C 151 12.65 0.40 -34.64
CA PHE C 151 13.90 -0.01 -35.32
C PHE C 151 13.75 -1.32 -36.14
N CYS C 152 12.51 -1.87 -36.22
CA CYS C 152 12.20 -3.11 -36.94
C CYS C 152 11.44 -2.81 -38.21
N TYR C 153 11.79 -3.44 -39.33
CA TYR C 153 11.09 -3.16 -40.59
C TYR C 153 10.37 -4.40 -41.10
N VAL C 154 11.08 -5.55 -41.11
CA VAL C 154 10.49 -6.81 -41.56
C VAL C 154 10.51 -7.79 -40.40
N ASN C 155 9.36 -8.42 -40.14
CA ASN C 155 9.21 -9.26 -38.97
C ASN C 155 9.70 -10.65 -39.29
N ASP C 156 11.00 -10.86 -39.11
CA ASP C 156 11.61 -12.16 -39.37
C ASP C 156 11.04 -13.28 -38.52
N ILE C 157 10.58 -12.93 -37.31
CA ILE C 157 10.06 -13.91 -36.38
C ILE C 157 8.75 -14.47 -36.95
N VAL C 158 7.84 -13.58 -37.36
CA VAL C 158 6.55 -14.01 -37.92
C VAL C 158 6.78 -14.86 -39.16
N LEU C 159 7.69 -14.42 -40.03
CA LEU C 159 7.96 -15.18 -41.25
C LEU C 159 8.53 -16.58 -40.94
N ALA C 160 9.39 -16.66 -39.94
CA ALA C 160 9.96 -17.96 -39.53
C ALA C 160 8.89 -18.83 -38.92
N ILE C 161 7.95 -18.26 -38.12
CA ILE C 161 6.86 -19.02 -37.50
C ILE C 161 5.91 -19.54 -38.59
N LEU C 162 5.59 -18.71 -39.60
CA LEU C 162 4.77 -19.19 -40.71
C LEU C 162 5.42 -20.42 -41.41
N GLU C 163 6.75 -20.41 -41.55
CA GLU C 163 7.47 -21.55 -42.10
C GLU C 163 7.30 -22.77 -41.17
N LEU C 164 7.52 -22.60 -39.85
CA LEU C 164 7.33 -23.70 -38.92
C LEU C 164 5.94 -24.28 -38.94
N LEU C 165 4.91 -23.45 -39.13
CA LEU C 165 3.52 -23.88 -39.17
C LEU C 165 3.21 -24.81 -40.33
N LYS C 166 4.09 -24.88 -41.34
CA LYS C 166 3.90 -25.86 -42.41
C LYS C 166 4.02 -27.30 -41.88
N TYR C 167 4.86 -27.52 -40.84
CA TYR C 167 5.15 -28.85 -40.31
C TYR C 167 4.75 -29.03 -38.84
N HIS C 168 4.41 -27.94 -38.12
CA HIS C 168 4.07 -27.98 -36.72
C HIS C 168 2.68 -27.46 -36.47
N GLN C 169 1.80 -28.25 -35.80
CA GLN C 169 0.47 -27.82 -35.50
C GLN C 169 0.45 -26.64 -34.53
N ARG C 170 1.33 -26.67 -33.53
CA ARG C 170 1.34 -25.64 -32.49
C ARG C 170 2.78 -25.17 -32.31
N VAL C 171 2.98 -23.84 -32.37
CA VAL C 171 4.30 -23.22 -32.19
C VAL C 171 4.23 -22.27 -31.01
N LEU C 172 5.21 -22.35 -30.11
CA LEU C 172 5.26 -21.46 -28.97
C LEU C 172 6.35 -20.40 -29.21
N TYR C 173 6.00 -19.15 -29.02
CA TYR C 173 6.93 -18.03 -29.13
C TYR C 173 7.15 -17.45 -27.73
N ILE C 174 8.39 -17.26 -27.35
CA ILE C 174 8.74 -16.71 -26.02
C ILE C 174 9.67 -15.55 -26.23
N ASP C 175 9.41 -14.44 -25.52
CA ASP C 175 10.14 -13.20 -25.77
C ASP C 175 10.65 -12.63 -24.47
N ILE C 176 12.00 -12.67 -24.30
CA ILE C 176 12.65 -12.13 -23.10
C ILE C 176 13.40 -10.83 -23.35
N ASP C 177 13.24 -10.24 -24.54
CA ASP C 177 13.61 -8.84 -24.76
C ASP C 177 12.87 -7.97 -23.72
N ILE C 178 13.45 -6.86 -23.30
CA ILE C 178 12.77 -5.97 -22.34
C ILE C 178 11.51 -5.35 -22.89
N HIS C 179 11.38 -5.27 -24.23
CA HIS C 179 10.17 -4.73 -24.85
C HIS C 179 9.14 -5.82 -25.15
N HIS C 180 7.87 -5.40 -25.20
CA HIS C 180 6.79 -6.29 -25.57
C HIS C 180 6.92 -6.71 -27.03
N GLY C 181 6.78 -8.01 -27.30
CA GLY C 181 6.84 -8.54 -28.67
C GLY C 181 5.52 -8.32 -29.40
N ASP C 182 5.19 -7.05 -29.62
CA ASP C 182 3.86 -6.68 -30.10
C ASP C 182 3.55 -7.13 -31.52
N GLY C 183 4.55 -7.05 -32.42
CA GLY C 183 4.32 -7.45 -33.80
C GLY C 183 4.04 -8.92 -33.96
N VAL C 184 4.72 -9.74 -33.15
CA VAL C 184 4.53 -11.19 -33.21
C VAL C 184 3.16 -11.52 -32.59
N GLU C 185 2.84 -10.92 -31.45
CA GLU C 185 1.54 -11.10 -30.80
C GLU C 185 0.42 -10.76 -31.73
N GLU C 186 0.56 -9.62 -32.43
CA GLU C 186 -0.51 -9.15 -33.32
C GLU C 186 -0.73 -10.11 -34.47
N ALA C 187 0.35 -10.60 -35.07
CA ALA C 187 0.23 -11.52 -36.22
C ALA C 187 -0.58 -12.77 -35.86
N PHE C 188 -0.38 -13.28 -34.63
CA PHE C 188 -0.97 -14.55 -34.21
C PHE C 188 -2.07 -14.39 -33.15
N TYR C 189 -2.61 -13.17 -33.01
CA TYR C 189 -3.52 -12.86 -31.91
C TYR C 189 -4.82 -13.67 -31.99
N THR C 190 -5.25 -14.04 -33.20
CA THR C 190 -6.57 -14.75 -33.34
C THR C 190 -6.41 -16.23 -33.72
N THR C 191 -5.21 -16.80 -33.53
CA THR C 191 -5.00 -18.22 -33.74
C THR C 191 -4.51 -18.91 -32.50
N ASP C 192 -4.97 -20.14 -32.33
CA ASP C 192 -4.46 -21.04 -31.32
C ASP C 192 -3.28 -21.87 -31.82
N ARG C 193 -2.87 -21.71 -33.10
CA ARG C 193 -1.71 -22.45 -33.60
C ARG C 193 -0.37 -21.82 -33.23
N VAL C 194 -0.40 -20.59 -32.71
CA VAL C 194 0.78 -19.98 -32.13
C VAL C 194 0.40 -19.36 -30.81
N MET C 195 1.09 -19.72 -29.73
CA MET C 195 0.96 -19.03 -28.45
CA MET C 195 0.96 -19.05 -28.48
C MET C 195 2.15 -18.09 -28.33
N THR C 196 1.90 -16.83 -27.94
CA THR C 196 2.96 -15.85 -27.71
C THR C 196 3.04 -15.53 -26.23
N VAL C 197 4.24 -15.55 -25.68
CA VAL C 197 4.47 -15.25 -24.24
C VAL C 197 5.58 -14.24 -24.19
N SER C 198 5.27 -13.02 -23.69
CA SER C 198 6.23 -11.97 -23.58
C SER C 198 6.34 -11.50 -22.16
N PHE C 199 7.59 -11.37 -21.70
CA PHE C 199 7.95 -10.74 -20.43
C PHE C 199 8.57 -9.42 -20.84
N HIS C 200 8.15 -8.33 -20.20
CA HIS C 200 8.62 -7.01 -20.67
C HIS C 200 8.34 -5.91 -19.66
N LYS C 201 9.10 -4.84 -19.75
CA LYS C 201 8.82 -3.61 -19.02
C LYS C 201 7.55 -3.02 -19.55
N TYR C 202 6.65 -2.64 -18.63
CA TYR C 202 5.35 -2.09 -18.99
C TYR C 202 5.09 -0.84 -18.12
N GLY C 203 4.59 0.22 -18.74
CA GLY C 203 4.29 1.48 -18.06
C GLY C 203 5.19 2.59 -18.59
N GLU C 204 4.66 3.48 -19.41
CA GLU C 204 5.43 4.62 -19.95
C GLU C 204 6.71 4.13 -20.64
N TYR C 205 6.52 3.16 -21.52
CA TYR C 205 7.63 2.49 -22.13
C TYR C 205 7.19 1.87 -23.45
N PHE C 206 8.07 1.96 -24.42
CA PHE C 206 7.77 1.48 -25.76
C PHE C 206 7.50 -0.03 -25.74
N PRO C 207 6.55 -0.57 -26.56
CA PRO C 207 5.60 0.11 -27.45
C PRO C 207 4.31 0.58 -26.81
N GLY C 208 4.12 0.34 -25.52
CA GLY C 208 2.90 0.72 -24.82
C GLY C 208 1.84 -0.36 -24.75
N THR C 209 2.12 -1.53 -25.31
CA THR C 209 1.22 -2.71 -25.39
C THR C 209 1.73 -3.82 -24.44
N GLY C 210 1.05 -4.98 -24.43
CA GLY C 210 1.46 -6.07 -23.56
C GLY C 210 0.90 -5.95 -22.16
N ASP C 211 -0.33 -5.46 -22.09
CA ASP C 211 -1.08 -5.44 -20.81
C ASP C 211 -1.41 -6.90 -20.43
N LEU C 212 -1.40 -7.19 -19.13
CA LEU C 212 -1.88 -8.46 -18.55
C LEU C 212 -3.21 -8.93 -19.17
N ARG C 213 -4.08 -7.97 -19.46
CA ARG C 213 -5.43 -8.26 -19.96
C ARG C 213 -5.49 -8.54 -21.46
N ASP C 214 -4.37 -8.40 -22.19
CA ASP C 214 -4.34 -8.71 -23.63
C ASP C 214 -4.02 -10.21 -23.71
N ILE C 215 -5.05 -11.01 -23.97
CA ILE C 215 -4.96 -12.48 -23.90
C ILE C 215 -5.25 -13.16 -25.23
N GLY C 216 -5.45 -12.39 -26.30
CA GLY C 216 -5.85 -12.96 -27.58
C GLY C 216 -7.32 -12.76 -27.86
N ALA C 217 -7.75 -13.13 -29.06
CA ALA C 217 -9.17 -12.99 -29.44
C ALA C 217 -9.56 -14.14 -30.37
N GLY C 218 -10.85 -14.43 -30.45
CA GLY C 218 -11.35 -15.50 -31.29
C GLY C 218 -10.80 -16.84 -30.85
N LYS C 219 -10.42 -17.66 -31.82
CA LYS C 219 -9.74 -18.94 -31.50
C LYS C 219 -8.45 -18.75 -30.72
N GLY C 220 -7.84 -17.56 -30.80
CA GLY C 220 -6.62 -17.23 -30.11
C GLY C 220 -6.81 -16.72 -28.69
N LYS C 221 -8.08 -16.66 -28.20
CA LYS C 221 -8.30 -16.20 -26.82
C LYS C 221 -7.64 -17.20 -25.86
N TYR C 222 -6.83 -16.67 -24.96
CA TYR C 222 -5.96 -17.36 -24.01
C TYR C 222 -4.63 -17.85 -24.60
N TYR C 223 -4.36 -17.56 -25.90
CA TYR C 223 -3.09 -17.95 -26.51
C TYR C 223 -2.13 -16.77 -26.67
N ALA C 224 -2.42 -15.59 -26.06
CA ALA C 224 -1.42 -14.54 -25.89
C ALA C 224 -1.23 -14.35 -24.39
N VAL C 225 0.02 -14.29 -23.94
CA VAL C 225 0.36 -14.21 -22.53
C VAL C 225 1.34 -13.07 -22.36
N ASN C 226 1.04 -12.13 -21.44
CA ASN C 226 1.89 -10.98 -21.21
C ASN C 226 2.15 -10.86 -19.71
N PHE C 227 3.44 -10.74 -19.36
CA PHE C 227 3.88 -10.54 -17.98
C PHE C 227 4.54 -9.14 -17.92
N PRO C 228 3.74 -8.11 -17.60
CA PRO C 228 4.29 -6.76 -17.51
C PRO C 228 5.06 -6.59 -16.25
N MET C 229 6.21 -5.93 -16.34
CA MET C 229 7.11 -5.74 -15.22
C MET C 229 7.49 -4.28 -15.07
N ARG C 230 7.96 -3.96 -13.87
CA ARG C 230 8.54 -2.67 -13.60
C ARG C 230 10.09 -2.74 -13.66
N ASP C 231 10.76 -1.58 -13.53
CA ASP C 231 12.23 -1.51 -13.48
C ASP C 231 12.87 -2.40 -12.43
N GLY C 232 14.08 -2.87 -12.73
CA GLY C 232 14.96 -3.41 -11.71
C GLY C 232 14.80 -4.87 -11.41
N ILE C 233 14.00 -5.61 -12.21
CA ILE C 233 13.84 -7.05 -11.96
C ILE C 233 15.22 -7.72 -12.02
N ASP C 234 15.47 -8.64 -11.13
CA ASP C 234 16.76 -9.31 -10.96
C ASP C 234 16.68 -10.79 -11.30
N ASP C 235 17.81 -11.49 -11.30
CA ASP C 235 17.87 -12.89 -11.72
C ASP C 235 16.92 -13.76 -10.93
N GLU C 236 16.93 -13.61 -9.60
CA GLU C 236 16.10 -14.45 -8.74
C GLU C 236 14.61 -14.21 -9.01
N SER C 237 14.19 -12.97 -9.07
CA SER C 237 12.79 -12.61 -9.28
C SER C 237 12.30 -13.06 -10.67
N TYR C 238 13.14 -12.85 -11.69
CA TYR C 238 12.77 -13.23 -13.06
C TYR C 238 12.67 -14.74 -13.16
N GLY C 239 13.67 -15.43 -12.64
CA GLY C 239 13.72 -16.88 -12.75
C GLY C 239 12.56 -17.54 -12.05
N GLN C 240 12.12 -16.98 -10.91
CA GLN C 240 11.00 -17.53 -10.15
C GLN C 240 9.64 -17.29 -10.81
N ILE C 241 9.59 -16.39 -11.82
CA ILE C 241 8.43 -16.10 -12.72
C ILE C 241 8.53 -17.00 -14.00
N PHE C 242 9.73 -16.98 -14.64
CA PHE C 242 9.89 -17.57 -15.95
C PHE C 242 9.68 -19.09 -15.92
N LYS C 243 10.40 -19.86 -15.07
CA LYS C 243 10.32 -21.33 -15.09
C LYS C 243 8.91 -21.83 -14.79
N PRO C 244 8.22 -21.38 -13.72
CA PRO C 244 6.83 -21.81 -13.52
C PRO C 244 5.88 -21.45 -14.64
N ILE C 245 5.99 -20.22 -15.20
CA ILE C 245 5.08 -19.82 -16.30
C ILE C 245 5.36 -20.70 -17.53
N ILE C 246 6.63 -20.84 -17.93
CA ILE C 246 6.93 -21.63 -19.14
C ILE C 246 6.58 -23.10 -18.92
N SER C 247 6.84 -23.65 -17.73
CA SER C 247 6.43 -25.02 -17.43
C SER C 247 4.92 -25.22 -17.59
N LYS C 248 4.12 -24.28 -17.10
CA LYS C 248 2.67 -24.40 -17.19
C LYS C 248 2.21 -24.25 -18.65
N VAL C 249 2.81 -23.30 -19.38
CA VAL C 249 2.56 -23.14 -20.83
C VAL C 249 2.86 -24.45 -21.56
N MET C 250 4.02 -25.08 -21.26
CA MET C 250 4.39 -26.31 -21.96
C MET C 250 3.37 -27.43 -21.67
N GLU C 251 2.95 -27.53 -20.42
CA GLU C 251 1.98 -28.53 -19.97
C GLU C 251 0.65 -28.35 -20.68
N MET C 252 0.15 -27.12 -20.72
CA MET C 252 -1.19 -26.85 -21.20
C MET C 252 -1.24 -26.75 -22.73
N TYR C 253 -0.22 -26.13 -23.34
CA TYR C 253 -0.21 -25.89 -24.80
C TYR C 253 0.43 -27.02 -25.61
N GLN C 254 1.43 -27.72 -25.04
CA GLN C 254 2.09 -28.84 -25.72
C GLN C 254 2.54 -28.49 -27.16
N PRO C 255 3.41 -27.47 -27.29
CA PRO C 255 3.87 -27.08 -28.64
C PRO C 255 4.76 -28.15 -29.23
N SER C 256 4.95 -28.19 -30.55
CA SER C 256 5.96 -29.09 -31.12
C SER C 256 7.19 -28.36 -31.63
N ALA C 257 7.20 -27.00 -31.60
CA ALA C 257 8.38 -26.21 -31.86
C ALA C 257 8.31 -24.94 -31.05
N VAL C 258 9.48 -24.38 -30.78
CA VAL C 258 9.59 -23.18 -29.97
C VAL C 258 10.49 -22.17 -30.65
N VAL C 259 10.12 -20.87 -30.57
CA VAL C 259 10.94 -19.78 -31.03
C VAL C 259 11.19 -18.91 -29.81
N LEU C 260 12.46 -18.65 -29.50
CA LEU C 260 12.84 -17.90 -28.32
C LEU C 260 13.59 -16.70 -28.79
N GLN C 261 13.01 -15.52 -28.55
CA GLN C 261 13.64 -14.24 -28.84
C GLN C 261 14.44 -13.86 -27.59
N CYS C 262 15.76 -13.73 -27.75
CA CYS C 262 16.73 -13.58 -26.66
C CYS C 262 17.25 -12.16 -26.59
N GLY C 263 16.41 -11.15 -26.81
CA GLY C 263 16.86 -9.76 -26.76
C GLY C 263 17.59 -9.48 -25.46
N ALA C 264 18.78 -8.88 -25.59
CA ALA C 264 19.71 -8.69 -24.48
C ALA C 264 19.59 -7.30 -23.86
N ASP C 265 18.54 -6.52 -24.24
CA ASP C 265 18.27 -5.25 -23.57
C ASP C 265 17.58 -5.41 -22.20
N SER C 266 17.31 -6.65 -21.79
CA SER C 266 16.84 -6.99 -20.44
C SER C 266 18.02 -7.22 -19.47
N LEU C 267 19.29 -7.05 -19.93
CA LEU C 267 20.45 -7.15 -19.06
C LEU C 267 20.68 -5.88 -18.26
N SER C 268 21.20 -6.09 -17.05
CA SER C 268 21.77 -5.06 -16.22
C SER C 268 22.78 -4.20 -17.03
N GLY C 269 22.67 -2.88 -16.89
CA GLY C 269 23.66 -1.99 -17.52
C GLY C 269 23.39 -1.68 -18.98
N ASP C 270 22.20 -2.10 -19.50
CA ASP C 270 21.88 -1.82 -20.89
C ASP C 270 21.65 -0.32 -21.06
N ARG C 271 22.16 0.28 -22.14
CA ARG C 271 22.03 1.73 -22.34
C ARG C 271 20.59 2.20 -22.36
N LEU C 272 19.68 1.34 -22.87
CA LEU C 272 18.27 1.72 -22.99
C LEU C 272 17.33 1.01 -22.01
N GLY C 273 17.71 -0.12 -21.47
CA GLY C 273 16.84 -0.91 -20.62
C GLY C 273 17.08 -0.64 -19.15
N CYS C 274 16.09 -0.95 -18.32
CA CYS C 274 16.11 -0.71 -16.90
C CYS C 274 15.85 -1.99 -16.11
N PHE C 275 16.17 -3.17 -16.66
CA PHE C 275 16.21 -4.41 -15.89
C PHE C 275 17.61 -4.65 -15.28
N ASN C 276 17.71 -5.67 -14.44
CA ASN C 276 18.93 -5.95 -13.71
C ASN C 276 19.32 -7.44 -13.80
N LEU C 277 19.14 -8.07 -14.96
CA LEU C 277 19.56 -9.46 -15.16
C LEU C 277 21.04 -9.56 -15.48
N THR C 278 21.68 -10.62 -14.99
CA THR C 278 23.03 -10.96 -15.45
C THR C 278 22.94 -11.83 -16.72
N VAL C 279 24.09 -12.12 -17.35
CA VAL C 279 24.13 -13.08 -18.44
C VAL C 279 23.66 -14.46 -18.00
N LYS C 280 24.04 -14.87 -16.77
CA LYS C 280 23.56 -16.14 -16.26
C LYS C 280 22.08 -16.16 -16.06
N GLY C 281 21.51 -15.06 -15.56
CA GLY C 281 20.06 -14.99 -15.32
C GLY C 281 19.29 -15.01 -16.63
N HIS C 282 19.82 -14.31 -17.62
CA HIS C 282 19.16 -14.27 -18.96
C HIS C 282 19.27 -15.68 -19.57
N ALA C 283 20.47 -16.28 -19.55
CA ALA C 283 20.72 -17.58 -20.19
C ALA C 283 19.98 -18.72 -19.51
N LYS C 284 19.61 -18.56 -18.23
CA LYS C 284 18.77 -19.54 -17.54
C LYS C 284 17.46 -19.76 -18.31
N CYS C 285 16.94 -18.71 -18.99
CA CYS C 285 15.76 -18.86 -19.83
C CYS C 285 15.99 -19.87 -20.95
N VAL C 286 17.17 -19.81 -21.59
CA VAL C 286 17.54 -20.74 -22.67
C VAL C 286 17.62 -22.15 -22.09
N GLU C 287 18.29 -22.32 -20.93
CA GLU C 287 18.41 -23.63 -20.28
C GLU C 287 17.03 -24.21 -19.98
N VAL C 288 16.13 -23.41 -19.38
CA VAL C 288 14.77 -23.85 -19.10
C VAL C 288 14.06 -24.34 -20.36
N VAL C 289 14.09 -23.53 -21.45
CA VAL C 289 13.39 -23.92 -22.68
C VAL C 289 13.99 -25.22 -23.26
N LYS C 290 15.32 -25.37 -23.18
CA LYS C 290 15.97 -26.58 -23.70
C LYS C 290 15.53 -27.87 -23.00
N THR C 291 15.19 -27.79 -21.73
CA THR C 291 14.79 -28.98 -20.98
C THR C 291 13.57 -29.67 -21.55
N PHE C 292 12.73 -28.95 -22.34
CA PHE C 292 11.54 -29.54 -22.95
C PHE C 292 11.86 -30.35 -24.22
N ASN C 293 13.09 -30.31 -24.72
CA ASN C 293 13.54 -31.15 -25.83
C ASN C 293 12.69 -30.97 -27.07
N LEU C 294 12.34 -29.73 -27.40
CA LEU C 294 11.58 -29.40 -28.60
C LEU C 294 12.45 -28.69 -29.59
N PRO C 295 12.22 -28.88 -30.90
CA PRO C 295 12.91 -28.07 -31.92
C PRO C 295 12.86 -26.59 -31.57
N LEU C 296 13.98 -25.91 -31.61
CA LEU C 296 14.11 -24.59 -31.00
C LEU C 296 14.88 -23.66 -31.93
N LEU C 297 14.24 -22.52 -32.26
CA LEU C 297 14.85 -21.43 -33.01
C LEU C 297 15.14 -20.33 -32.03
N MET C 298 16.43 -20.06 -31.81
CA MET C 298 16.88 -18.99 -30.96
C MET C 298 17.26 -17.79 -31.80
N LEU C 299 16.64 -16.65 -31.48
CA LEU C 299 16.83 -15.41 -32.22
C LEU C 299 17.41 -14.33 -31.32
N GLY C 300 18.04 -13.35 -31.96
CA GLY C 300 18.51 -12.15 -31.26
C GLY C 300 17.37 -11.21 -30.91
N GLY C 301 17.71 -9.93 -30.83
CA GLY C 301 16.79 -8.92 -30.37
C GLY C 301 17.57 -7.69 -29.97
N GLY C 302 17.04 -6.96 -29.01
CA GLY C 302 17.65 -5.71 -28.61
C GLY C 302 18.92 -5.94 -27.82
N GLY C 303 19.49 -4.84 -27.36
CA GLY C 303 20.71 -4.84 -26.57
C GLY C 303 21.65 -3.78 -27.09
N TYR C 304 22.03 -2.85 -26.20
CA TYR C 304 22.62 -1.55 -26.55
C TYR C 304 23.97 -1.31 -25.85
N THR C 305 24.33 -2.11 -24.86
CA THR C 305 25.68 -2.10 -24.31
C THR C 305 26.37 -3.25 -24.99
N ILE C 306 27.09 -2.96 -26.06
CA ILE C 306 27.34 -4.01 -27.03
C ILE C 306 28.32 -5.07 -26.49
N ARG C 307 29.25 -4.71 -25.59
CA ARG C 307 30.09 -5.74 -24.95
C ARG C 307 29.25 -6.80 -24.21
N ASN C 308 28.13 -6.37 -23.56
CA ASN C 308 27.28 -7.31 -22.83
C ASN C 308 26.39 -8.12 -23.75
N VAL C 309 26.00 -7.55 -24.90
CA VAL C 309 25.29 -8.33 -25.93
C VAL C 309 26.18 -9.48 -26.42
N ALA C 310 27.45 -9.19 -26.76
CA ALA C 310 28.37 -10.22 -27.22
C ALA C 310 28.56 -11.31 -26.15
N ARG C 311 28.72 -10.91 -24.90
CA ARG C 311 28.83 -11.87 -23.79
C ARG C 311 27.59 -12.75 -23.72
N CYS C 312 26.42 -12.12 -23.77
CA CYS C 312 25.15 -12.80 -23.55
C CYS C 312 24.93 -13.86 -24.64
N TRP C 313 25.06 -13.48 -25.90
CA TRP C 313 24.77 -14.39 -27.00
C TRP C 313 25.86 -15.42 -27.18
N THR C 314 27.11 -15.09 -26.83
CA THR C 314 28.18 -16.11 -26.79
C THR C 314 27.82 -17.18 -25.75
N TYR C 315 27.48 -16.75 -24.52
CA TYR C 315 27.15 -17.70 -23.45
C TYR C 315 25.92 -18.51 -23.84
N GLU C 316 24.92 -17.88 -24.47
CA GLU C 316 23.70 -18.60 -24.84
C GLU C 316 23.95 -19.58 -25.97
N THR C 317 24.91 -19.30 -26.87
CA THR C 317 25.32 -20.29 -27.89
C THR C 317 25.99 -21.50 -27.17
N ALA C 318 26.84 -21.22 -26.20
CA ALA C 318 27.46 -22.29 -25.40
C ALA C 318 26.42 -23.13 -24.67
N VAL C 319 25.40 -22.48 -24.08
CA VAL C 319 24.29 -23.18 -23.43
C VAL C 319 23.58 -24.08 -24.45
N ALA C 320 23.32 -23.56 -25.66
CA ALA C 320 22.72 -24.37 -26.72
C ALA C 320 23.56 -25.63 -26.98
N LEU C 321 24.90 -25.47 -27.01
CA LEU C 321 25.82 -26.59 -27.28
C LEU C 321 26.15 -27.46 -26.09
N ASP C 322 25.57 -27.15 -24.89
CA ASP C 322 25.92 -27.81 -23.61
C ASP C 322 27.43 -27.80 -23.40
N CYS C 323 28.06 -26.65 -23.70
CA CYS C 323 29.51 -26.56 -23.72
C CYS C 323 29.88 -25.54 -22.63
N GLU C 324 30.48 -25.96 -21.48
CA GLU C 324 30.75 -25.00 -20.40
C GLU C 324 32.02 -24.27 -20.86
N ILE C 325 31.95 -22.93 -20.94
CA ILE C 325 33.08 -22.13 -21.38
C ILE C 325 33.67 -21.32 -20.21
N PRO C 326 34.98 -21.03 -20.22
CA PRO C 326 35.58 -20.26 -19.11
C PRO C 326 35.15 -18.81 -19.00
N ASN C 327 35.14 -18.31 -17.77
CA ASN C 327 34.85 -16.92 -17.52
C ASN C 327 35.93 -16.00 -18.07
N GLU C 328 37.17 -16.48 -18.23
CA GLU C 328 38.23 -15.69 -18.78
C GLU C 328 38.00 -15.59 -20.24
N LEU C 329 37.84 -14.35 -20.75
CA LEU C 329 37.60 -14.21 -22.18
C LEU C 329 38.85 -14.59 -22.97
N PRO C 330 38.69 -15.31 -24.09
CA PRO C 330 39.84 -15.54 -24.97
C PRO C 330 40.19 -14.26 -25.67
N TYR C 331 41.43 -14.16 -26.18
CA TYR C 331 41.79 -13.04 -27.04
C TYR C 331 40.85 -13.01 -28.26
N ASN C 332 40.49 -11.83 -28.72
CA ASN C 332 39.60 -11.68 -29.87
C ASN C 332 39.81 -10.28 -30.49
N ASP C 333 39.19 -10.05 -31.67
CA ASP C 333 39.36 -8.79 -32.42
C ASP C 333 38.81 -7.58 -31.71
N TYR C 334 37.99 -7.77 -30.66
CA TYR C 334 37.39 -6.70 -29.88
C TYR C 334 37.79 -6.75 -28.43
N PHE C 335 38.99 -7.34 -28.09
CA PHE C 335 39.34 -7.68 -26.71
C PHE C 335 39.24 -6.46 -25.80
N GLU C 336 39.63 -5.28 -26.28
CA GLU C 336 39.62 -4.05 -25.48
C GLU C 336 38.21 -3.58 -25.09
N TYR C 337 37.17 -3.98 -25.83
CA TYR C 337 35.79 -3.58 -25.49
C TYR C 337 35.31 -4.22 -24.19
N PHE C 338 36.01 -5.31 -23.75
CA PHE C 338 35.62 -6.09 -22.59
C PHE C 338 36.34 -5.71 -21.31
N GLY C 339 37.13 -4.65 -21.36
CA GLY C 339 37.73 -4.09 -20.16
C GLY C 339 36.65 -3.51 -19.26
N PRO C 340 37.05 -3.25 -18.01
CA PRO C 340 38.38 -3.45 -17.42
C PRO C 340 38.69 -4.88 -16.95
N ASP C 341 37.67 -5.76 -16.93
CA ASP C 341 37.76 -7.07 -16.29
C ASP C 341 38.10 -8.21 -17.25
N PHE C 342 37.67 -8.12 -18.49
CA PHE C 342 37.96 -9.17 -19.49
C PHE C 342 37.35 -10.50 -19.15
N LYS C 343 36.20 -10.49 -18.45
CA LYS C 343 35.45 -11.69 -18.08
C LYS C 343 34.17 -11.79 -18.92
N LEU C 344 33.64 -13.01 -19.01
CA LEU C 344 32.42 -13.28 -19.73
C LEU C 344 31.20 -12.82 -18.95
N HIS C 345 31.17 -13.11 -17.65
CA HIS C 345 30.00 -12.87 -16.83
C HIS C 345 29.99 -11.44 -16.25
N ILE C 346 28.78 -10.92 -15.94
CA ILE C 346 28.60 -9.57 -15.45
C ILE C 346 27.94 -9.61 -14.09
N SER C 347 28.11 -8.55 -13.34
CA SER C 347 27.45 -8.36 -12.07
C SER C 347 26.20 -7.51 -12.21
N PRO C 348 25.21 -7.76 -11.35
CA PRO C 348 24.05 -6.87 -11.32
C PRO C 348 24.46 -5.53 -10.69
N SER C 349 23.65 -4.51 -10.95
CA SER C 349 23.81 -3.23 -10.30
C SER C 349 23.06 -3.23 -8.94
N ASN C 350 23.21 -2.13 -8.20
CA ASN C 350 22.50 -1.92 -6.94
C ASN C 350 21.10 -1.32 -7.12
N MET C 351 20.57 -1.25 -8.35
CA MET C 351 19.27 -0.63 -8.58
C MET C 351 18.16 -1.33 -7.82
N THR C 352 17.16 -0.56 -7.41
CA THR C 352 16.02 -1.09 -6.70
C THR C 352 15.16 -1.92 -7.64
N ASN C 353 14.73 -3.09 -7.17
CA ASN C 353 13.72 -3.89 -7.87
C ASN C 353 12.36 -3.36 -7.53
N GLN C 354 11.71 -2.66 -8.48
CA GLN C 354 10.36 -2.10 -8.28
C GLN C 354 9.22 -3.10 -8.38
N ASN C 355 9.50 -4.35 -8.72
CA ASN C 355 8.48 -5.36 -8.78
C ASN C 355 8.33 -5.84 -7.36
N THR C 356 7.29 -5.42 -6.64
CA THR C 356 7.12 -5.89 -5.26
C THR C 356 6.68 -7.35 -5.30
N PRO C 357 6.97 -8.11 -4.21
CA PRO C 357 6.46 -9.48 -4.13
C PRO C 357 4.98 -9.62 -4.38
N GLU C 358 4.19 -8.63 -3.83
CA GLU C 358 2.75 -8.66 -3.98
C GLU C 358 2.34 -8.48 -5.48
N TYR C 359 2.99 -7.52 -6.14
CA TYR C 359 2.73 -7.29 -7.57
C TYR C 359 3.04 -8.58 -8.40
N MET C 360 4.23 -9.17 -8.18
CA MET C 360 4.65 -10.35 -8.94
C MET C 360 3.67 -11.51 -8.74
N GLU C 361 3.24 -11.77 -7.50
CA GLU C 361 2.32 -12.88 -7.26
C GLU C 361 0.96 -12.68 -7.84
N LYS C 362 0.45 -11.42 -7.85
CA LYS C 362 -0.84 -11.15 -8.44
C LYS C 362 -0.80 -11.37 -9.98
N ILE C 363 0.27 -10.91 -10.63
CA ILE C 363 0.39 -11.15 -12.07
C ILE C 363 0.49 -12.67 -12.34
N LYS C 364 1.37 -13.35 -11.61
CA LYS C 364 1.54 -14.82 -11.76
C LYS C 364 0.22 -15.55 -11.57
N GLN C 365 -0.56 -15.12 -10.56
CA GLN C 365 -1.81 -15.81 -10.26
C GLN C 365 -2.81 -15.62 -11.41
N ARG C 366 -2.94 -14.37 -11.92
CA ARG C 366 -3.82 -14.14 -13.07
C ARG C 366 -3.37 -14.98 -14.30
N LEU C 367 -2.05 -15.10 -14.54
CA LEU C 367 -1.60 -15.83 -15.73
C LEU C 367 -1.89 -17.32 -15.60
N PHE C 368 -1.66 -17.90 -14.42
CA PHE C 368 -2.02 -19.33 -14.25
C PHE C 368 -3.53 -19.55 -14.41
N GLU C 369 -4.38 -18.60 -13.97
CA GLU C 369 -5.81 -18.71 -14.15
C GLU C 369 -6.14 -18.69 -15.64
N ASN C 370 -5.46 -17.83 -16.41
CA ASN C 370 -5.66 -17.79 -17.86
C ASN C 370 -5.23 -19.07 -18.54
N LEU C 371 -4.12 -19.62 -18.12
CA LEU C 371 -3.62 -20.87 -18.69
C LEU C 371 -4.54 -22.07 -18.39
N ARG C 372 -5.24 -22.06 -17.24
CA ARG C 372 -6.21 -23.12 -16.97
C ARG C 372 -7.40 -23.12 -17.90
N MET C 373 -7.67 -22.02 -18.65
CA MET C 373 -8.74 -21.94 -19.65
C MET C 373 -8.40 -22.66 -20.97
N LEU C 374 -7.14 -23.13 -21.19
CA LEU C 374 -6.82 -23.94 -22.38
C LEU C 374 -7.48 -25.32 -22.26
N PRO C 375 -7.80 -25.99 -23.38
CA PRO C 375 -8.53 -27.28 -23.29
C PRO C 375 -7.65 -28.42 -22.77
ZN ZN D . -21.19 23.97 0.92
CA CA E . -27.20 23.92 4.67
NA NA F . -35.72 11.70 8.92
C1 PEG G . -0.32 12.68 4.45
O1 PEG G . 0.73 12.21 5.27
C2 PEG G . 0.19 13.13 3.13
O2 PEG G . -0.86 13.09 2.18
C3 PEG G . -0.95 11.85 1.48
C4 PEG G . 0.03 11.79 0.32
O4 PEG G . 0.17 13.04 -0.34
C2 KRU H . -19.82 22.72 -1.47
C3 KRU H . -20.28 21.52 -0.69
C5 KRU H . -19.11 20.19 1.01
C6 KRU H . -19.65 21.45 1.64
C8 KRU H . -17.78 19.70 1.55
C10 KRU H . -15.67 18.57 1.21
C11 KRU H . -15.31 18.86 2.50
C12 KRU H . -16.17 19.50 3.33
C13 KRU H . -17.41 19.94 2.85
C15 KRU H . -20.35 21.48 -3.54
C16 KRU H . -20.18 21.92 -4.96
C19 KRU H . -19.72 23.11 -7.42
C21 KRU H . -19.66 23.22 -5.03
C22 KRU H . -19.42 23.76 -3.65
O1 KRU H . -19.43 23.73 -0.89
C4 KRU H . -19.10 20.55 -0.48
N7 KRU H . -20.72 21.91 0.69
C9 KRU H . -16.89 19.01 0.73
N14 KRU H . -19.86 22.65 -2.79
C17 KRU H . -20.49 21.24 -6.12
C18 KRU H . -20.24 21.82 -7.36
C20 KRU H . -19.41 23.81 -6.26
H23 KRU H . -21.03 21.08 -1.15
H24 KRU H . -19.78 19.47 1.14
H29 KRU H . -20.04 21.26 2.51
H30 KRU H . -18.96 22.14 1.72
H32 KRU H . -15.07 18.09 0.64
H33 KRU H . -14.48 18.53 2.83
H34 KRU H . -15.91 19.68 4.23
H35 KRU H . -17.98 20.43 3.43
H37 KRU H . -21.28 21.30 -3.34
H36 KRU H . -19.82 20.69 -3.34
H40 KRU H . -19.55 23.51 -8.27
H43 KRU H . -18.47 23.96 -3.51
H42 KRU H . -19.96 24.57 -3.48
H28 KRU H . -18.26 20.98 -0.74
H27 KRU H . -19.22 19.74 -1.03
H26 KRU H . -21.52 21.50 0.88
H25 KRU H . -20.80 22.74 0.75
H31 KRU H . -17.14 18.83 -0.17
H38 KRU H . -20.84 20.36 -6.06
H39 KRU H . -20.44 21.35 -8.16
H41 KRU H . -19.06 24.69 -6.30
ZN ZN I . 6.15 -14.43 27.41
CA CA J . 11.50 -15.38 22.89
NA NA K . 10.84 -19.34 7.92
C3' NHE L . -12.58 0.85 20.68
C2' NHE L . -11.50 1.73 21.28
C1' NHE L . -11.69 3.24 21.12
C6' NHE L . -13.15 3.66 21.33
N NHE L . -10.86 3.89 22.19
C1 NHE L . -10.61 5.36 22.07
C2 NHE L . -10.16 5.86 23.42
S NHE L . -9.98 7.63 23.52
O1 NHE L . -11.30 8.17 23.82
O2 NHE L . -9.47 8.05 22.23
O3 NHE L . -9.03 7.87 24.61
C5' NHE L . -14.14 2.78 20.59
C4' NHE L . -13.97 1.34 21.03
C1 PEG M . 15.67 1.85 12.07
O1 PEG M . 17.06 1.73 12.43
C2 PEG M . 15.43 2.10 10.62
O2 PEG M . 16.36 3.04 10.09
C3 PEG M . 16.14 3.33 8.72
C4 PEG M . 17.39 3.81 8.05
O4 PEG M . 17.92 5.01 8.61
O1 PG4 N . 23.88 0.77 34.90
C1 PG4 N . 23.73 1.05 36.29
C2 PG4 N . 22.45 1.76 36.64
O2 PG4 N . 22.31 2.93 35.87
C3 PG4 N . 21.28 3.79 36.31
C4 PG4 N . 21.31 5.00 35.49
O3 PG4 N . 21.42 4.75 34.11
C5 PG4 N . 21.21 5.91 33.30
C6 PG4 N . 21.47 5.66 31.81
O4 PG4 N . 22.59 4.81 31.62
C7 PG4 N . 23.19 4.87 30.34
C8 PG4 N . 23.78 3.55 29.96
O5 PG4 N . 24.67 2.98 30.89
C1 PEG O . -15.12 -3.06 28.28
O1 PEG O . -15.80 -3.53 29.43
C2 PEG O . -13.76 -2.57 28.62
O2 PEG O . -13.21 -1.86 27.53
C3 PEG O . -13.65 -0.52 27.39
C4 PEG O . -13.43 -0.06 26.00
O4 PEG O . -14.58 0.58 25.43
C1 PEG P . 0.52 0.51 45.94
O1 PEG P . -0.39 1.65 46.06
C2 PEG P . 1.34 0.51 44.68
O2 PEG P . 2.36 -0.50 44.71
C3 PEG P . 3.67 -0.05 45.05
C4 PEG P . 4.58 -1.23 45.32
O4 PEG P . 5.88 -1.11 44.72
C2 KRU Q . 3.52 -15.54 28.28
C3 KRU Q . 3.35 -15.36 26.78
C5 KRU Q . 2.40 -13.54 25.47
C6 KRU Q . 3.83 -13.21 25.82
C8 KRU Q . 1.43 -12.36 25.42
C10 KRU Q . 0.98 -10.01 25.10
C11 KRU Q . -0.34 -10.21 25.36
C12 KRU Q . -0.81 -11.48 25.62
C13 KRU Q . 0.08 -12.54 25.68
C15 KRU Q . 2.96 -16.79 30.32
C16 KRU Q . 2.18 -18.06 30.47
C19 KRU Q . 0.69 -20.40 30.35
C21 KRU Q . 1.70 -18.52 29.25
C22 KRU Q . 2.13 -17.60 28.14
O1 KRU Q . 4.15 -14.72 28.94
C4 KRU Q . 2.04 -14.61 26.51
N7 KRU Q . 4.44 -14.52 26.18
C9 KRU Q . 1.87 -11.08 25.13
N14 KRU Q . 2.95 -16.61 28.86
C17 KRU Q . 1.90 -18.78 31.63
C18 KRU Q . 1.17 -19.96 31.56
C20 KRU Q . 0.97 -19.68 29.19
H23 KRU Q . 3.35 -16.24 26.34
H24 KRU Q . 2.39 -13.98 24.58
H29 KRU Q . 4.30 -12.82 25.06
H30 KRU Q . 3.88 -12.60 26.58
H32 KRU Q . 1.30 -9.13 24.91
H33 KRU Q . -0.95 -9.48 25.33
H34 KRU Q . -1.73 -11.61 25.81
H35 KRU Q . -0.26 -13.41 25.87
H37 KRU Q . 2.52 -16.04 30.77
H36 KRU Q . 3.87 -16.89 30.65
H40 KRU Q . 0.18 -21.21 30.31
H43 KRU Q . 2.67 -18.08 27.47
H42 KRU Q . 1.37 -17.19 27.70
H28 KRU Q . 1.71 -14.19 27.32
H27 KRU Q . 1.37 -15.22 26.16
H26 KRU Q . 4.78 -14.94 25.42
H25 KRU Q . 5.05 -14.41 26.72
H31 KRU Q . 2.80 -10.94 24.96
H38 KRU Q . 2.23 -18.46 32.47
H39 KRU Q . 0.96 -20.44 32.36
H41 KRU Q . 0.65 -20.00 28.34
ZN ZN R . 14.02 -4.39 -26.98
CA CA S . 9.73 -9.25 -24.16
NA NA T . -2.15 -16.89 -30.78
C1 PEG U . -2.23 -20.98 -39.84
O1 PEG U . -2.92 -21.59 -40.99
C2 PEG U . -2.18 -19.49 -39.98
O2 PEG U . -1.94 -18.87 -38.72
C3 PEG U . -2.29 -17.49 -38.66
C4 PEG U . -1.30 -16.70 -39.40
O4 PEG U . -1.67 -15.32 -39.53
C1 EDO V . -3.66 -6.28 -29.16
O1 EDO V . -4.46 -5.65 -28.14
C2 EDO V . -4.55 -6.56 -30.39
O2 EDO V . -3.81 -7.17 -31.46
C2 KRU W . 14.07 -1.97 -28.73
C3 KRU W . 13.33 -2.96 -29.60
C5 KRU W . 14.14 -4.52 -31.27
C6 KRU W . 14.41 -5.09 -29.86
C8 KRU W . 15.16 -4.83 -32.34
C10 KRU W . 16.83 -6.27 -33.31
C11 KRU W . 17.04 -5.37 -34.32
C12 KRU W . 16.29 -4.20 -34.37
C13 KRU W . 15.37 -3.93 -33.37
C15 KRU W . 14.45 0.37 -28.10
C16 KRU W . 13.63 1.59 -28.40
C19 KRU W . 11.88 3.57 -29.22
C21 KRU W . 12.57 1.27 -29.24
C22 KRU W . 12.56 -0.19 -29.56
O1 KRU W . 15.01 -2.35 -28.04
C4 KRU W . 13.99 -3.03 -30.98
N7 KRU W . 13.43 -4.35 -29.04
C9 KRU W . 15.89 -6.01 -32.33
N14 KRU W . 13.69 -0.69 -28.76
C17 KRU W . 13.83 2.90 -28.00
C18 KRU W . 12.94 3.89 -28.40
C20 KRU W . 11.69 2.25 -29.63
H23 KRU W . 12.38 -2.71 -29.67
H24 KRU W . 13.27 -4.87 -31.56
H29 KRU W . 14.24 -6.05 -29.82
H30 KRU W . 15.32 -4.90 -29.57
H32 KRU W . 17.34 -7.08 -33.28
H33 KRU W . 17.67 -5.57 -35.01
H34 KRU W . 16.44 -3.58 -35.08
H35 KRU W . 14.86 -3.12 -33.41
H37 KRU W . 15.36 0.45 -28.49
H36 KRU W . 14.53 0.21 -27.14
H40 KRU W . 11.27 4.25 -29.50
H43 KRU W . 11.72 -0.61 -29.27
H42 KRU W . 12.68 -0.35 -30.50
H28 KRU W . 14.87 -2.60 -30.95
H27 KRU W . 13.43 -2.61 -31.65
H26 KRU W . 12.64 -4.75 -29.05
H25 KRU W . 13.69 -4.32 -28.28
H31 KRU W . 15.77 -6.63 -31.62
H38 KRU W . 14.56 3.12 -27.44
H39 KRU W . 13.08 4.79 -28.11
H41 KRU W . 10.96 2.04 -30.19
#